data_5SNS
#
_entry.id   5SNS
#
_cell.length_a   136.848
_cell.length_b   65.050
_cell.length_c   84.029
_cell.angle_alpha   90.000
_cell.angle_beta   92.740
_cell.angle_gamma   90.000
#
_symmetry.space_group_name_H-M   'C 1 2 1'
#
loop_
_entity.id
_entity.type
_entity.pdbx_description
1 polymer '3-oxoacyl-[acyl-carrier-protein] synthase 2'
2 non-polymer 'DIMETHYL SULFOXIDE'
3 non-polymer 1-(5-amino-1,3-dihydro-2H-isoindol-2-yl)ethan-1-one
4 non-polymer 'PHOSPHATE ION'
5 water water
#
_entity_poly.entity_id   1
_entity_poly.type   'polypeptide(L)'
_entity_poly.pdbx_seq_one_letter_code
;MSRRRVVITGMGMLSPLGLDVPSSWEGILAGRSGIAPIEHMDLSAYSTRFGGSVKGFNVEEYLSAKEARKLDLFIQYGLA
ASFQAVRDSGLEVTDANRERIGVSMGSGIGGLTNIENNCRSLFEQGPRRISPFFVPGSIINMVSGFLSIHLGLQGPNYAL
TTAQTTGTHSIGMAARNIAYGEADVMVAGGSEMAACGLGLGGFGAARALSTRNDEPTRASRPWDRDRDGFVLSDGSGALV
LEELEHARARGARIYAELVGFGMSGDAFHMTAPPEDGAGAARCMKNALRDAGLDPRQVDYINAHGTSTPAGDIAEIAAVK
SVFGEHAHALSMSSTKSMTGHLLGAAGAVEAIFSVLALRDQVAPPTINLDNPDEGCDLDLVAHEAKPRKIDVALSNSFGF
GGTNGTLVFRRFAD
;
_entity_poly.pdbx_strand_id   A,B
#
loop_
_chem_comp.id
_chem_comp.type
_chem_comp.name
_chem_comp.formula
DMS non-polymer 'DIMETHYL SULFOXIDE' 'C2 H6 O S'
PO4 non-polymer 'PHOSPHATE ION' 'O4 P -3'
X1J non-polymer 1-(5-amino-1,3-dihydro-2H-isoindol-2-yl)ethan-1-one 'C10 H12 N2 O'
#
# COMPACT_ATOMS: atom_id res chain seq x y z
N SER A 2 19.03 13.99 -14.08
CA SER A 2 18.70 14.01 -12.62
C SER A 2 17.20 14.29 -12.43
N ARG A 3 16.85 14.98 -11.33
CA ARG A 3 15.46 15.12 -10.79
C ARG A 3 14.65 16.15 -11.58
N ARG A 4 13.54 15.69 -12.18
CA ARG A 4 12.61 16.54 -12.95
C ARG A 4 11.58 17.13 -12.00
N ARG A 5 11.06 18.31 -12.33
CA ARG A 5 10.02 19.02 -11.53
C ARG A 5 8.61 18.44 -11.84
N VAL A 6 7.65 18.61 -10.94
CA VAL A 6 6.34 17.91 -10.95
C VAL A 6 5.23 18.90 -10.63
N VAL A 7 4.25 19.01 -11.51
CA VAL A 7 3.14 19.99 -11.41
C VAL A 7 1.80 19.24 -11.33
N ILE A 8 0.78 19.94 -10.86
CA ILE A 8 -0.62 19.44 -10.72
C ILE A 8 -1.42 20.00 -11.91
N THR A 9 -1.94 19.09 -12.77
CA THR A 9 -2.66 19.44 -14.04
C THR A 9 -4.13 18.99 -13.95
N GLY A 10 -4.47 18.17 -12.96
CA GLY A 10 -5.83 17.65 -12.74
C GLY A 10 -6.10 17.32 -11.28
N MET A 11 -7.33 17.55 -10.85
CA MET A 11 -7.83 17.25 -9.49
C MET A 11 -9.29 16.76 -9.59
N GLY A 12 -9.64 15.76 -8.79
CA GLY A 12 -10.99 15.19 -8.69
C GLY A 12 -11.24 14.81 -7.26
N MET A 13 -12.51 14.79 -6.83
CA MET A 13 -12.86 14.65 -5.40
C MET A 13 -14.33 14.29 -5.22
N LEU A 14 -14.58 13.38 -4.28
CA LEU A 14 -15.87 13.21 -3.54
C LEU A 14 -15.58 13.50 -2.06
N SER A 15 -16.34 14.42 -1.46
CA SER A 15 -16.24 14.73 -0.01
C SER A 15 -17.64 14.74 0.59
N PRO A 16 -17.76 14.81 1.93
CA PRO A 16 -19.05 15.11 2.55
C PRO A 16 -19.56 16.52 2.23
N LEU A 17 -18.78 17.32 1.47
CA LEU A 17 -19.17 18.69 1.03
C LEU A 17 -19.55 18.70 -0.46
N GLY A 18 -19.30 17.64 -1.23
CA GLY A 18 -19.78 17.60 -2.62
C GLY A 18 -19.17 16.49 -3.48
N LEU A 19 -19.76 16.31 -4.67
CA LEU A 19 -19.47 15.23 -5.67
C LEU A 19 -18.36 15.66 -6.65
N ASP A 20 -17.79 16.86 -6.49
CA ASP A 20 -16.64 17.31 -7.30
C ASP A 20 -15.77 18.28 -6.48
N VAL A 21 -14.71 18.81 -7.09
CA VAL A 21 -13.74 19.75 -6.46
C VAL A 21 -14.39 21.12 -6.26
N PRO A 22 -14.94 21.80 -7.29
CA PRO A 22 -15.49 23.14 -7.10
C PRO A 22 -16.61 23.24 -6.06
N SER A 23 -17.52 22.25 -6.05
CA SER A 23 -18.65 22.21 -5.09
C SER A 23 -18.11 21.98 -3.68
N SER A 24 -17.16 21.05 -3.52
CA SER A 24 -16.45 20.79 -2.23
C SER A 24 -15.75 22.06 -1.73
N TRP A 25 -14.98 22.73 -2.59
CA TRP A 25 -14.21 23.96 -2.28
C TRP A 25 -15.14 25.09 -1.83
N GLU A 26 -16.26 25.27 -2.53
N GLU A 26 -16.26 25.27 -2.53
CA GLU A 26 -17.29 26.29 -2.20
CA GLU A 26 -17.31 26.28 -2.20
C GLU A 26 -17.72 26.13 -0.73
C GLU A 26 -17.70 26.12 -0.72
N GLY A 27 -17.90 24.88 -0.28
CA GLY A 27 -18.28 24.57 1.10
C GLY A 27 -17.18 24.92 2.07
N ILE A 28 -15.92 24.63 1.67
CA ILE A 28 -14.69 24.89 2.48
C ILE A 28 -14.61 26.39 2.73
N LEU A 29 -14.74 27.22 1.69
CA LEU A 29 -14.58 28.69 1.84
C LEU A 29 -15.77 29.24 2.63
N ALA A 30 -16.94 28.62 2.50
CA ALA A 30 -18.18 29.03 3.23
C ALA A 30 -18.24 28.41 4.64
N GLY A 31 -17.26 27.61 5.05
CA GLY A 31 -17.23 27.08 6.43
C GLY A 31 -18.42 26.19 6.73
N ARG A 32 -18.93 25.50 5.70
CA ARG A 32 -20.09 24.59 5.76
C ARG A 32 -19.61 23.24 6.31
N SER A 33 -20.42 22.55 7.12
CA SER A 33 -20.15 21.18 7.65
C SER A 33 -20.81 20.13 6.75
N GLY A 34 -20.09 19.07 6.38
CA GLY A 34 -20.64 17.90 5.68
C GLY A 34 -20.92 16.77 6.67
N ILE A 35 -21.07 17.09 7.96
CA ILE A 35 -21.22 16.06 9.03
C ILE A 35 -22.68 15.95 9.44
N ALA A 36 -23.23 14.74 9.45
CA ALA A 36 -24.66 14.46 9.75
C ALA A 36 -24.82 13.04 10.28
N PRO A 37 -25.94 12.75 10.97
CA PRO A 37 -26.25 11.38 11.38
C PRO A 37 -26.20 10.46 10.16
N ILE A 38 -25.71 9.25 10.33
CA ILE A 38 -25.56 8.23 9.25
C ILE A 38 -26.92 7.56 9.01
N GLU A 39 -27.29 7.35 7.74
CA GLU A 39 -28.63 6.87 7.31
C GLU A 39 -28.55 5.47 6.68
N HIS A 40 -27.42 5.06 6.09
CA HIS A 40 -27.32 3.80 5.31
C HIS A 40 -27.40 2.58 6.23
N MET A 41 -27.25 2.74 7.56
CA MET A 41 -27.38 1.60 8.52
C MET A 41 -28.01 2.04 9.84
N ASP A 42 -28.27 1.07 10.73
CA ASP A 42 -28.88 1.25 12.07
C ASP A 42 -27.78 1.20 13.14
N LEU A 43 -27.46 2.35 13.74
CA LEU A 43 -26.32 2.52 14.68
C LEU A 43 -26.81 2.74 16.11
N SER A 44 -28.02 2.33 16.47
CA SER A 44 -28.57 2.60 17.83
C SER A 44 -27.71 1.89 18.90
N ALA A 45 -26.97 0.83 18.57
CA ALA A 45 -26.08 0.10 19.51
C ALA A 45 -24.66 0.71 19.57
N TYR A 46 -24.37 1.72 18.74
CA TYR A 46 -23.03 2.36 18.55
C TYR A 46 -22.97 3.62 19.40
N SER A 47 -21.79 3.89 19.98
CA SER A 47 -21.49 5.12 20.75
C SER A 47 -21.28 6.33 19.81
N THR A 48 -21.07 6.10 18.50
CA THR A 48 -20.99 7.16 17.46
C THR A 48 -21.89 6.82 16.27
N ARG A 49 -22.83 7.72 15.95
CA ARG A 49 -23.97 7.45 15.03
C ARG A 49 -23.99 8.45 13.87
N PHE A 50 -22.95 9.28 13.74
CA PHE A 50 -22.80 10.32 12.69
C PHE A 50 -21.42 10.22 12.03
N GLY A 51 -21.29 10.88 10.87
CA GLY A 51 -20.06 10.98 10.07
C GLY A 51 -20.24 11.86 8.84
N GLY A 52 -19.18 11.97 8.04
CA GLY A 52 -19.20 12.62 6.71
C GLY A 52 -19.47 11.60 5.64
N SER A 53 -20.75 11.42 5.28
CA SER A 53 -21.17 10.60 4.13
C SER A 53 -20.99 11.42 2.86
N VAL A 54 -20.64 10.75 1.76
CA VAL A 54 -20.82 11.27 0.38
C VAL A 54 -22.32 11.19 0.06
N LYS A 55 -22.95 12.32 -0.18
CA LYS A 55 -24.42 12.42 -0.27
C LYS A 55 -24.81 12.52 -1.75
N GLY A 56 -25.61 11.58 -2.25
CA GLY A 56 -26.21 11.67 -3.60
C GLY A 56 -25.29 11.12 -4.69
N PHE A 57 -24.20 10.46 -4.28
CA PHE A 57 -23.26 9.82 -5.24
C PHE A 57 -24.04 8.93 -6.19
N ASN A 58 -23.94 9.22 -7.48
CA ASN A 58 -24.46 8.37 -8.57
C ASN A 58 -23.28 7.75 -9.30
N VAL A 59 -22.92 6.51 -8.94
CA VAL A 59 -21.83 5.71 -9.61
C VAL A 59 -22.07 5.57 -11.12
N GLU A 60 -23.32 5.57 -11.58
CA GLU A 60 -23.67 5.42 -13.02
C GLU A 60 -23.44 6.75 -13.78
N GLU A 61 -22.79 7.73 -13.15
CA GLU A 61 -22.14 8.86 -13.87
C GLU A 61 -20.76 8.41 -14.37
N TYR A 62 -20.26 7.24 -13.96
CA TYR A 62 -18.85 6.82 -14.23
C TYR A 62 -18.80 5.40 -14.75
N LEU A 63 -19.53 4.47 -14.13
CA LEU A 63 -19.44 3.03 -14.42
C LEU A 63 -20.83 2.46 -14.72
N SER A 64 -20.87 1.41 -15.57
CA SER A 64 -22.05 0.56 -15.81
C SER A 64 -22.45 -0.07 -14.47
N ALA A 65 -23.75 -0.09 -14.17
CA ALA A 65 -24.29 -0.73 -12.94
C ALA A 65 -23.73 -2.15 -12.84
N LYS A 66 -23.51 -2.82 -13.98
CA LYS A 66 -23.02 -4.23 -14.04
C LYS A 66 -21.63 -4.36 -13.39
N GLU A 67 -20.73 -3.40 -13.64
N GLU A 67 -20.76 -3.39 -13.64
CA GLU A 67 -19.39 -3.34 -13.02
CA GLU A 67 -19.41 -3.29 -13.03
C GLU A 67 -19.53 -2.79 -11.59
C GLU A 67 -19.55 -2.80 -11.59
N ALA A 68 -20.20 -1.65 -11.41
CA ALA A 68 -20.37 -0.97 -10.10
C ALA A 68 -20.78 -1.96 -9.00
N ARG A 69 -21.70 -2.87 -9.33
N ARG A 69 -21.69 -2.89 -9.32
CA ARG A 69 -22.27 -3.89 -8.39
CA ARG A 69 -22.26 -3.86 -8.36
C ARG A 69 -21.12 -4.74 -7.81
C ARG A 69 -21.16 -4.80 -7.84
N LYS A 70 -20.09 -5.01 -8.61
CA LYS A 70 -18.93 -5.87 -8.20
C LYS A 70 -17.92 -5.13 -7.30
N LEU A 71 -18.11 -3.83 -7.01
CA LEU A 71 -17.02 -3.00 -6.45
C LEU A 71 -17.46 -2.36 -5.13
N ASP A 72 -16.56 -2.37 -4.15
CA ASP A 72 -16.77 -1.70 -2.84
C ASP A 72 -16.85 -0.20 -3.07
N LEU A 73 -17.62 0.49 -2.25
CA LEU A 73 -17.83 1.95 -2.37
C LEU A 73 -16.46 2.67 -2.44
N PHE A 74 -15.43 2.21 -1.73
CA PHE A 74 -14.11 2.92 -1.71
C PHE A 74 -13.55 2.92 -3.14
N ILE A 75 -13.66 1.77 -3.82
CA ILE A 75 -13.22 1.61 -5.23
C ILE A 75 -14.07 2.54 -6.09
N GLN A 76 -15.39 2.53 -5.92
CA GLN A 76 -16.30 3.44 -6.66
C GLN A 76 -15.84 4.90 -6.45
N TYR A 77 -15.54 5.30 -5.21
CA TYR A 77 -15.16 6.69 -4.87
C TYR A 77 -13.80 7.06 -5.52
N GLY A 78 -12.86 6.12 -5.57
CA GLY A 78 -11.50 6.38 -6.10
C GLY A 78 -11.50 6.54 -7.61
N LEU A 79 -12.27 5.70 -8.30
CA LEU A 79 -12.53 5.80 -9.77
C LEU A 79 -13.23 7.12 -10.08
N ALA A 80 -14.26 7.48 -9.31
CA ALA A 80 -15.00 8.74 -9.49
C ALA A 80 -14.01 9.90 -9.47
N ALA A 81 -13.18 10.00 -8.44
CA ALA A 81 -12.17 11.09 -8.29
C ALA A 81 -11.07 10.96 -9.35
N SER A 82 -10.54 9.77 -9.58
CA SER A 82 -9.56 9.45 -10.65
C SER A 82 -10.07 9.94 -12.01
N PHE A 83 -11.26 9.49 -12.47
CA PHE A 83 -11.87 9.92 -13.76
C PHE A 83 -11.98 11.46 -13.80
N GLN A 84 -12.51 12.11 -12.77
CA GLN A 84 -12.61 13.61 -12.72
C GLN A 84 -11.24 14.25 -12.99
N ALA A 85 -10.22 13.83 -12.22
CA ALA A 85 -8.85 14.39 -12.27
C ALA A 85 -8.26 14.23 -13.67
N VAL A 86 -8.47 13.07 -14.31
CA VAL A 86 -7.89 12.79 -15.66
C VAL A 86 -8.58 13.66 -16.71
N ARG A 87 -9.92 13.77 -16.65
N ARG A 87 -9.92 13.79 -16.64
CA ARG A 87 -10.73 14.67 -17.52
CA ARG A 87 -10.73 14.67 -17.52
C ARG A 87 -10.31 16.12 -17.29
C ARG A 87 -10.33 16.13 -17.28
N ASP A 88 -10.09 16.50 -16.02
CA ASP A 88 -9.70 17.90 -15.63
C ASP A 88 -8.32 18.25 -16.19
N SER A 89 -7.47 17.25 -16.45
CA SER A 89 -6.09 17.45 -16.97
C SER A 89 -6.10 17.66 -18.49
N GLY A 90 -7.18 17.28 -19.17
CA GLY A 90 -7.32 17.35 -20.64
C GLY A 90 -6.31 16.45 -21.35
N LEU A 91 -5.68 15.54 -20.61
CA LEU A 91 -4.64 14.61 -21.13
C LEU A 91 -5.32 13.58 -22.02
N GLU A 92 -4.77 13.34 -23.22
CA GLU A 92 -5.17 12.20 -24.10
C GLU A 92 -4.18 11.08 -23.88
N VAL A 93 -4.64 9.88 -23.52
CA VAL A 93 -3.83 8.63 -23.44
C VAL A 93 -3.74 8.02 -24.85
N THR A 94 -2.52 7.75 -25.32
CA THR A 94 -2.23 7.17 -26.67
C THR A 94 -1.30 5.98 -26.50
N ASP A 95 -1.01 5.24 -27.57
CA ASP A 95 0.05 4.19 -27.59
C ASP A 95 1.41 4.87 -27.40
N ALA A 96 1.51 6.13 -27.77
CA ALA A 96 2.76 6.91 -27.67
C ALA A 96 3.08 7.24 -26.22
N ASN A 97 2.10 7.39 -25.31
CA ASN A 97 2.39 7.84 -23.93
C ASN A 97 1.88 6.86 -22.85
N ARG A 98 1.15 5.81 -23.22
CA ARG A 98 0.39 5.00 -22.23
C ARG A 98 1.39 4.34 -21.26
N GLU A 99 2.55 3.93 -21.77
CA GLU A 99 3.57 3.22 -20.97
C GLU A 99 4.28 4.17 -20.01
N ARG A 100 3.96 5.46 -20.02
CA ARG A 100 4.60 6.52 -19.21
C ARG A 100 3.55 7.17 -18.30
N ILE A 101 2.34 6.61 -18.26
CA ILE A 101 1.23 7.08 -17.40
C ILE A 101 0.90 5.95 -16.42
N GLY A 102 1.03 6.23 -15.13
CA GLY A 102 0.72 5.24 -14.09
C GLY A 102 -0.24 5.80 -13.06
N VAL A 103 -0.43 5.04 -11.99
CA VAL A 103 -1.48 5.31 -10.98
C VAL A 103 -1.03 4.76 -9.62
N SER A 104 -1.25 5.56 -8.59
CA SER A 104 -1.02 5.22 -7.16
C SER A 104 -2.18 5.78 -6.32
N MET A 105 -3.30 5.09 -6.33
CA MET A 105 -4.47 5.44 -5.49
C MET A 105 -4.52 4.45 -4.33
N GLY A 106 -4.54 4.96 -3.10
CA GLY A 106 -4.44 4.12 -1.91
C GLY A 106 -5.70 4.17 -1.09
N SER A 107 -5.74 3.33 -0.05
CA SER A 107 -6.80 3.32 0.99
C SER A 107 -6.20 2.86 2.32
N GLY A 108 -6.75 3.35 3.43
CA GLY A 108 -6.28 2.99 4.79
C GLY A 108 -6.72 1.58 5.16
N ILE A 109 -7.99 1.27 4.86
CA ILE A 109 -8.76 0.06 5.30
C ILE A 109 -9.29 -0.70 4.07
N GLY A 110 -9.66 0.00 3.00
CA GLY A 110 -10.20 -0.64 1.79
C GLY A 110 -11.62 -1.13 1.96
N GLY A 111 -11.93 -2.31 1.41
CA GLY A 111 -13.32 -2.74 1.16
C GLY A 111 -13.95 -3.36 2.40
N LEU A 112 -14.07 -2.59 3.48
CA LEU A 112 -14.48 -3.12 4.82
C LEU A 112 -15.96 -3.46 4.79
N THR A 113 -16.80 -2.58 4.19
CA THR A 113 -18.22 -2.83 3.90
C THR A 113 -18.35 -4.15 3.14
N ASN A 114 -17.53 -4.32 2.10
CA ASN A 114 -17.57 -5.52 1.24
C ASN A 114 -17.21 -6.75 2.08
N ILE A 115 -16.20 -6.65 2.92
CA ILE A 115 -15.75 -7.80 3.74
C ILE A 115 -16.82 -8.09 4.81
N GLU A 116 -17.42 -7.05 5.39
CA GLU A 116 -18.52 -7.16 6.38
C GLU A 116 -19.69 -7.95 5.77
N ASN A 117 -20.15 -7.56 4.58
CA ASN A 117 -21.33 -8.15 3.89
C ASN A 117 -21.09 -9.62 3.50
N ASN A 118 -19.91 -9.95 2.97
CA ASN A 118 -19.57 -11.35 2.59
C ASN A 118 -19.36 -12.17 3.87
N CYS A 119 -18.95 -11.50 4.96
CA CYS A 119 -18.84 -12.11 6.31
C CYS A 119 -20.24 -12.52 6.80
N ARG A 120 -21.20 -11.60 6.73
CA ARG A 120 -22.64 -11.87 6.94
C ARG A 120 -23.02 -13.17 6.20
N SER A 121 -22.87 -13.18 4.87
CA SER A 121 -23.16 -14.32 3.96
C SER A 121 -22.47 -15.61 4.43
N LEU A 122 -21.22 -15.51 4.88
CA LEU A 122 -20.40 -16.68 5.29
C LEU A 122 -20.96 -17.29 6.59
N PHE A 123 -21.46 -16.47 7.50
CA PHE A 123 -21.78 -16.89 8.88
C PHE A 123 -23.26 -17.25 8.97
N GLU A 124 -24.10 -16.49 8.26
CA GLU A 124 -25.57 -16.68 8.23
C GLU A 124 -25.95 -17.79 7.24
N GLN A 125 -25.22 -17.95 6.12
CA GLN A 125 -25.62 -18.84 4.98
C GLN A 125 -24.52 -19.89 4.70
N GLY A 126 -23.26 -19.49 4.61
CA GLY A 126 -22.12 -20.40 4.37
C GLY A 126 -21.21 -19.91 3.25
N PRO A 127 -20.07 -20.58 3.03
CA PRO A 127 -19.03 -20.11 2.12
C PRO A 127 -19.48 -19.95 0.67
N ARG A 128 -20.38 -20.83 0.22
CA ARG A 128 -20.86 -20.89 -1.19
C ARG A 128 -21.68 -19.64 -1.55
N ARG A 129 -21.99 -18.75 -0.59
CA ARG A 129 -22.67 -17.45 -0.88
C ARG A 129 -21.68 -16.28 -0.89
N ILE A 130 -20.38 -16.53 -0.70
CA ILE A 130 -19.32 -15.50 -0.91
C ILE A 130 -19.29 -15.18 -2.41
N SER A 131 -19.47 -13.90 -2.77
CA SER A 131 -19.37 -13.38 -4.15
C SER A 131 -18.07 -13.85 -4.78
N PRO A 132 -18.08 -14.30 -6.05
CA PRO A 132 -16.85 -14.50 -6.81
C PRO A 132 -16.04 -13.21 -7.00
N PHE A 133 -16.65 -12.04 -6.77
CA PHE A 133 -16.01 -10.71 -6.94
C PHE A 133 -15.48 -10.14 -5.60
N PHE A 134 -15.40 -10.97 -4.54
CA PHE A 134 -15.06 -10.55 -3.16
C PHE A 134 -13.61 -10.05 -3.09
N VAL A 135 -12.68 -10.78 -3.69
CA VAL A 135 -11.24 -10.41 -3.71
C VAL A 135 -11.05 -9.16 -4.57
N PRO A 136 -11.26 -9.19 -5.91
CA PRO A 136 -11.00 -8.04 -6.76
C PRO A 136 -11.90 -6.83 -6.44
N GLY A 137 -13.05 -7.06 -5.79
CA GLY A 137 -13.97 -5.96 -5.48
C GLY A 137 -13.67 -5.28 -4.16
N SER A 138 -12.68 -5.75 -3.38
CA SER A 138 -12.47 -5.35 -1.98
C SER A 138 -11.04 -4.92 -1.67
N ILE A 139 -10.03 -5.51 -2.31
CA ILE A 139 -8.60 -5.26 -1.96
C ILE A 139 -8.19 -3.89 -2.51
N ILE A 140 -7.20 -3.27 -1.86
CA ILE A 140 -6.91 -1.82 -1.92
C ILE A 140 -6.36 -1.39 -3.29
N ASN A 141 -5.60 -2.27 -3.95
CA ASN A 141 -4.83 -1.93 -5.18
C ASN A 141 -5.72 -1.85 -6.40
N MET A 142 -7.02 -2.15 -6.26
CA MET A 142 -7.93 -2.27 -7.42
C MET A 142 -8.51 -0.90 -7.78
N VAL A 143 -8.23 0.16 -7.05
CA VAL A 143 -8.54 1.50 -7.61
C VAL A 143 -7.52 1.76 -8.72
N SER A 144 -6.22 1.61 -8.41
CA SER A 144 -5.11 1.66 -9.40
C SER A 144 -5.34 0.64 -10.52
N GLY A 145 -5.75 -0.58 -10.18
CA GLY A 145 -6.01 -1.66 -11.16
C GLY A 145 -7.10 -1.25 -12.14
N PHE A 146 -8.31 -0.96 -11.65
CA PHE A 146 -9.50 -0.70 -12.50
C PHE A 146 -9.25 0.57 -13.30
N LEU A 147 -8.56 1.56 -12.72
CA LEU A 147 -8.33 2.83 -13.45
C LEU A 147 -7.43 2.54 -14.66
N SER A 148 -6.41 1.71 -14.46
N SER A 148 -6.40 1.72 -14.45
CA SER A 148 -5.43 1.34 -15.51
CA SER A 148 -5.42 1.29 -15.48
C SER A 148 -6.15 0.56 -16.63
C SER A 148 -6.14 0.55 -16.62
N ILE A 149 -7.04 -0.35 -16.27
CA ILE A 149 -7.82 -1.20 -17.24
C ILE A 149 -8.75 -0.31 -18.08
N HIS A 150 -9.47 0.61 -17.45
CA HIS A 150 -10.43 1.53 -18.10
C HIS A 150 -9.74 2.54 -19.02
N LEU A 151 -8.56 3.05 -18.63
CA LEU A 151 -7.89 4.17 -19.35
C LEU A 151 -6.71 3.67 -20.19
N GLY A 152 -6.30 2.41 -20.08
CA GLY A 152 -5.10 1.88 -20.75
C GLY A 152 -3.80 2.42 -20.15
N LEU A 153 -3.73 2.61 -18.83
CA LEU A 153 -2.49 3.11 -18.16
C LEU A 153 -1.57 1.90 -17.97
N GLN A 154 -0.44 1.87 -18.66
CA GLN A 154 0.52 0.74 -18.60
C GLN A 154 1.80 1.16 -17.86
N GLY A 155 1.88 2.39 -17.36
CA GLY A 155 2.97 2.85 -16.46
C GLY A 155 3.01 2.15 -15.09
N PRO A 156 3.74 2.69 -14.08
CA PRO A 156 3.78 2.09 -12.74
C PRO A 156 2.38 1.98 -12.11
N ASN A 157 2.05 0.80 -11.59
CA ASN A 157 0.68 0.50 -11.11
C ASN A 157 0.79 -0.08 -9.70
N TYR A 158 0.42 0.71 -8.69
CA TYR A 158 0.55 0.29 -7.26
C TYR A 158 -0.44 1.03 -6.36
N ALA A 159 -0.43 0.66 -5.09
CA ALA A 159 -1.22 1.34 -4.04
C ALA A 159 -0.43 1.28 -2.73
N LEU A 160 -0.46 2.39 -1.98
CA LEU A 160 -0.02 2.46 -0.57
C LEU A 160 -1.22 2.25 0.32
N THR A 161 -0.95 1.69 1.48
CA THR A 161 -1.85 1.68 2.64
C THR A 161 -0.99 2.04 3.86
N THR A 162 -1.11 3.28 4.31
CA THR A 162 -0.37 3.83 5.47
C THR A 162 -1.40 4.58 6.33
N ALA A 163 -2.57 3.98 6.49
CA ALA A 163 -3.60 4.47 7.43
C ALA A 163 -3.90 5.93 7.07
N GLN A 164 -3.96 6.85 8.04
CA GLN A 164 -4.42 8.25 7.85
C GLN A 164 -3.41 9.09 7.04
N THR A 165 -2.28 8.51 6.62
CA THR A 165 -1.21 9.22 5.90
C THR A 165 -1.23 8.85 4.42
N THR A 166 -2.11 7.92 4.03
CA THR A 166 -2.09 7.19 2.72
C THR A 166 -2.13 8.16 1.53
N GLY A 167 -2.93 9.24 1.62
CA GLY A 167 -3.15 10.18 0.51
C GLY A 167 -1.90 11.00 0.25
N THR A 168 -1.22 11.40 1.32
CA THR A 168 -0.01 12.25 1.26
C THR A 168 1.12 11.40 0.70
N HIS A 169 1.31 10.22 1.28
CA HIS A 169 2.29 9.20 0.84
C HIS A 169 2.09 8.88 -0.64
N SER A 170 0.83 8.64 -1.04
CA SER A 170 0.47 8.21 -2.42
C SER A 170 0.88 9.30 -3.40
N ILE A 171 0.47 10.54 -3.12
CA ILE A 171 0.81 11.73 -3.94
C ILE A 171 2.33 11.94 -3.98
N GLY A 172 3.00 11.98 -2.83
CA GLY A 172 4.43 12.26 -2.71
C GLY A 172 5.29 11.27 -3.49
N MET A 173 4.99 9.98 -3.35
N MET A 173 4.98 9.98 -3.36
CA MET A 173 5.77 8.87 -3.97
CA MET A 173 5.78 8.88 -3.98
C MET A 173 5.50 8.79 -5.47
C MET A 173 5.51 8.80 -5.49
N ALA A 174 4.30 9.17 -5.91
CA ALA A 174 3.96 9.31 -7.36
C ALA A 174 4.85 10.39 -7.97
N ALA A 175 5.07 11.48 -7.22
CA ALA A 175 5.88 12.64 -7.63
C ALA A 175 7.35 12.21 -7.80
N ARG A 176 7.80 11.35 -6.90
CA ARG A 176 9.16 10.78 -6.93
C ARG A 176 9.28 9.87 -8.15
N ASN A 177 8.21 9.14 -8.50
CA ASN A 177 8.14 8.32 -9.74
C ASN A 177 8.45 9.21 -10.96
N ILE A 178 7.88 10.42 -10.99
CA ILE A 178 7.99 11.35 -12.14
C ILE A 178 9.32 12.10 -12.03
N ALA A 179 9.64 12.61 -10.85
CA ALA A 179 10.92 13.28 -10.54
C ALA A 179 12.09 12.46 -11.13
N TYR A 180 12.10 11.15 -10.87
CA TYR A 180 13.24 10.24 -11.18
C TYR A 180 13.03 9.60 -12.54
N GLY A 181 11.98 9.97 -13.27
CA GLY A 181 11.75 9.54 -14.65
C GLY A 181 11.33 8.08 -14.76
N GLU A 182 10.64 7.51 -13.76
CA GLU A 182 9.95 6.20 -13.92
C GLU A 182 8.60 6.42 -14.65
N ALA A 183 8.14 7.66 -14.72
CA ALA A 183 6.86 8.03 -15.35
C ALA A 183 6.90 9.50 -15.73
N ASP A 184 6.05 9.90 -16.68
CA ASP A 184 5.84 11.32 -17.02
C ASP A 184 4.53 11.80 -16.40
N VAL A 185 3.59 10.90 -16.16
CA VAL A 185 2.28 11.27 -15.57
C VAL A 185 1.94 10.20 -14.52
N MET A 186 1.37 10.63 -13.40
CA MET A 186 0.77 9.70 -12.42
C MET A 186 -0.54 10.28 -11.92
N VAL A 187 -1.56 9.44 -11.84
CA VAL A 187 -2.82 9.73 -11.09
C VAL A 187 -2.61 9.23 -9.67
N ALA A 188 -2.76 10.12 -8.68
CA ALA A 188 -2.38 9.80 -7.30
C ALA A 188 -3.36 10.43 -6.30
N GLY A 189 -3.63 9.69 -5.23
CA GLY A 189 -4.45 10.16 -4.10
C GLY A 189 -4.89 8.98 -3.29
N GLY A 190 -6.09 9.04 -2.73
CA GLY A 190 -6.71 7.83 -2.12
C GLY A 190 -8.20 8.00 -1.94
N SER A 191 -8.84 6.97 -1.40
CA SER A 191 -10.31 6.82 -1.23
C SER A 191 -10.55 5.99 0.03
N GLU A 192 -11.63 6.30 0.71
CA GLU A 192 -12.01 5.57 1.94
C GLU A 192 -13.52 5.56 2.08
N MET A 193 -14.08 4.39 2.40
N MET A 193 -14.06 4.40 2.43
CA MET A 193 -15.46 4.20 2.90
CA MET A 193 -15.46 4.20 2.88
C MET A 193 -15.42 3.17 4.02
C MET A 193 -15.44 3.16 4.02
N ALA A 194 -15.12 3.62 5.23
CA ALA A 194 -15.00 2.79 6.44
C ALA A 194 -16.27 2.90 7.30
N ALA A 195 -17.29 3.64 6.85
CA ALA A 195 -18.55 3.88 7.61
C ALA A 195 -19.41 2.62 7.54
N CYS A 196 -18.93 1.54 8.12
CA CYS A 196 -19.67 0.27 8.32
C CYS A 196 -19.58 -0.13 9.80
N GLY A 197 -20.15 -1.29 10.17
CA GLY A 197 -20.19 -1.82 11.55
C GLY A 197 -18.80 -1.89 12.16
N LEU A 198 -17.90 -2.65 11.53
CA LEU A 198 -16.50 -2.88 11.98
C LEU A 198 -15.75 -1.56 12.10
N GLY A 199 -16.00 -0.62 11.20
CA GLY A 199 -15.29 0.66 11.17
C GLY A 199 -15.71 1.56 12.32
N LEU A 200 -16.98 1.88 12.41
CA LEU A 200 -17.50 2.72 13.50
C LEU A 200 -17.35 2.00 14.84
N GLY A 201 -17.60 0.70 14.88
CA GLY A 201 -17.38 -0.15 16.07
C GLY A 201 -15.92 -0.21 16.45
N GLY A 202 -15.02 -0.47 15.49
CA GLY A 202 -13.57 -0.66 15.72
C GLY A 202 -12.94 0.59 16.29
N PHE A 203 -13.16 1.72 15.61
CA PHE A 203 -12.73 3.06 16.06
C PHE A 203 -13.47 3.41 17.37
N GLY A 204 -14.74 3.03 17.49
CA GLY A 204 -15.54 3.22 18.71
C GLY A 204 -14.91 2.48 19.90
N ALA A 205 -14.56 1.21 19.71
CA ALA A 205 -13.93 0.33 20.71
C ALA A 205 -12.64 0.95 21.23
N ALA A 206 -11.90 1.62 20.36
CA ALA A 206 -10.60 2.25 20.70
C ALA A 206 -10.85 3.64 21.27
N ARG A 207 -12.11 4.09 21.27
CA ARG A 207 -12.57 5.34 21.93
C ARG A 207 -11.92 6.57 21.27
N ALA A 208 -11.60 6.46 19.96
CA ALA A 208 -10.93 7.47 19.08
C ALA A 208 -11.91 8.50 18.50
N LEU A 209 -13.20 8.16 18.37
CA LEU A 209 -14.27 8.94 17.67
C LEU A 209 -14.96 9.93 18.62
N SER A 210 -15.24 11.14 18.14
CA SER A 210 -16.19 12.06 18.79
C SER A 210 -17.52 11.30 19.00
N THR A 211 -18.10 11.39 20.20
CA THR A 211 -19.45 10.82 20.52
C THR A 211 -20.49 11.93 20.69
N ARG A 212 -20.30 13.08 20.02
CA ARG A 212 -21.25 14.21 20.02
C ARG A 212 -22.39 13.94 19.02
N ASN A 213 -23.14 12.85 19.25
CA ASN A 213 -24.25 12.36 18.38
C ASN A 213 -25.36 13.39 18.29
N ASP A 214 -25.52 14.22 19.31
CA ASP A 214 -26.65 15.19 19.38
C ASP A 214 -26.27 16.52 18.71
N GLU A 215 -25.03 16.72 18.26
CA GLU A 215 -24.63 17.91 17.45
C GLU A 215 -23.49 17.54 16.50
N PRO A 216 -23.74 16.73 15.45
CA PRO A 216 -22.67 16.26 14.57
C PRO A 216 -21.81 17.35 13.89
N THR A 217 -22.40 18.48 13.52
CA THR A 217 -21.69 19.56 12.78
C THR A 217 -20.67 20.26 13.69
N ARG A 218 -20.74 20.11 15.01
CA ARG A 218 -19.80 20.77 15.97
C ARG A 218 -18.87 19.73 16.58
N ALA A 219 -18.95 18.47 16.14
CA ALA A 219 -18.12 17.34 16.62
C ALA A 219 -16.66 17.60 16.29
N SER A 220 -16.35 17.92 15.03
CA SER A 220 -14.97 18.19 14.54
C SER A 220 -14.64 19.65 14.87
N ARG A 221 -13.87 19.83 15.94
CA ARG A 221 -13.53 21.17 16.49
C ARG A 221 -12.04 21.15 16.84
N PRO A 222 -11.15 21.08 15.82
CA PRO A 222 -9.72 20.95 16.07
C PRO A 222 -9.18 22.16 16.87
N TRP A 223 -8.33 21.87 17.86
CA TRP A 223 -7.65 22.84 18.76
C TRP A 223 -8.65 23.49 19.74
N ASP A 224 -9.95 23.18 19.61
CA ASP A 224 -10.96 23.63 20.60
C ASP A 224 -10.80 22.79 21.88
N ARG A 225 -10.93 23.42 23.05
CA ARG A 225 -10.76 22.72 24.35
C ARG A 225 -11.81 21.63 24.54
N ASP A 226 -12.97 21.69 23.87
CA ASP A 226 -14.08 20.72 24.08
C ASP A 226 -14.03 19.56 23.07
N ARG A 227 -12.91 19.36 22.36
CA ARG A 227 -12.76 18.28 21.35
C ARG A 227 -12.75 16.92 22.06
N ASP A 228 -13.34 15.88 21.46
CA ASP A 228 -13.50 14.53 22.09
C ASP A 228 -13.24 13.37 21.11
N GLY A 229 -12.44 13.57 20.06
CA GLY A 229 -12.12 12.51 19.07
C GLY A 229 -12.40 12.96 17.65
N PHE A 230 -11.98 12.18 16.64
CA PHE A 230 -12.20 12.55 15.23
C PHE A 230 -13.61 12.14 14.81
N VAL A 231 -14.04 12.73 13.68
CA VAL A 231 -15.30 12.40 12.97
C VAL A 231 -14.92 11.57 11.74
N LEU A 232 -15.58 10.42 11.54
CA LEU A 232 -15.23 9.47 10.45
C LEU A 232 -15.99 9.90 9.20
N SER A 233 -15.27 10.15 8.11
CA SER A 233 -15.82 10.65 6.84
C SER A 233 -15.29 9.80 5.69
N ASP A 234 -16.02 9.86 4.58
CA ASP A 234 -15.81 9.03 3.38
C ASP A 234 -15.56 9.97 2.20
N GLY A 235 -14.94 9.44 1.16
CA GLY A 235 -14.66 10.22 -0.06
C GLY A 235 -13.40 9.77 -0.75
N SER A 236 -12.90 10.62 -1.64
N SER A 236 -12.94 10.56 -1.70
CA SER A 236 -11.77 10.32 -2.55
CA SER A 236 -11.67 10.30 -2.42
C SER A 236 -11.12 11.63 -3.00
C SER A 236 -11.11 11.61 -2.99
N GLY A 237 -9.78 11.64 -3.14
CA GLY A 237 -9.02 12.71 -3.80
C GLY A 237 -8.12 12.06 -4.83
N ALA A 238 -8.00 12.66 -5.99
CA ALA A 238 -7.05 12.23 -7.04
C ALA A 238 -6.47 13.48 -7.68
N LEU A 239 -5.19 13.45 -8.00
CA LEU A 239 -4.49 14.54 -8.70
C LEU A 239 -3.79 13.92 -9.91
N VAL A 240 -3.74 14.67 -11.00
CA VAL A 240 -2.79 14.34 -12.10
C VAL A 240 -1.52 15.13 -11.82
N LEU A 241 -0.51 14.37 -11.43
CA LEU A 241 0.90 14.81 -11.32
C LEU A 241 1.51 14.58 -12.71
N GLU A 242 2.35 15.55 -13.14
CA GLU A 242 2.93 15.61 -14.50
C GLU A 242 4.32 16.25 -14.48
N GLU A 243 5.30 15.64 -15.14
CA GLU A 243 6.61 16.26 -15.40
C GLU A 243 6.35 17.62 -16.07
N LEU A 244 7.08 18.67 -15.65
CA LEU A 244 6.81 20.09 -16.01
C LEU A 244 6.91 20.33 -17.53
N GLU A 245 7.99 19.89 -18.20
CA GLU A 245 8.20 20.08 -19.67
C GLU A 245 7.05 19.40 -20.43
N HIS A 246 6.74 18.15 -20.09
CA HIS A 246 5.59 17.37 -20.65
C HIS A 246 4.32 18.21 -20.53
N ALA A 247 4.08 18.84 -19.38
CA ALA A 247 2.87 19.66 -19.15
C ALA A 247 2.90 20.89 -20.06
N ARG A 248 4.07 21.53 -20.18
CA ARG A 248 4.27 22.76 -21.00
C ARG A 248 4.11 22.45 -22.48
N ALA A 249 4.77 21.40 -22.94
CA ALA A 249 4.75 20.95 -24.35
C ALA A 249 3.30 20.90 -24.83
N ARG A 250 2.41 20.21 -24.07
CA ARG A 250 0.99 19.97 -24.44
C ARG A 250 0.09 21.14 -23.96
N GLY A 251 0.65 22.19 -23.38
CA GLY A 251 -0.10 23.41 -23.00
C GLY A 251 -1.09 23.18 -21.86
N ALA A 252 -0.88 22.19 -20.99
CA ALA A 252 -1.73 21.89 -19.82
C ALA A 252 -1.83 23.13 -18.91
N ARG A 253 -3.01 23.36 -18.33
CA ARG A 253 -3.23 24.34 -17.24
C ARG A 253 -2.61 23.76 -15.97
N ILE A 254 -1.66 24.49 -15.37
CA ILE A 254 -0.93 24.05 -14.15
C ILE A 254 -1.52 24.82 -12.96
N TYR A 255 -2.03 24.11 -11.93
CA TYR A 255 -2.61 24.73 -10.72
C TYR A 255 -1.48 25.17 -9.77
N ALA A 256 -0.40 24.38 -9.74
CA ALA A 256 0.69 24.53 -8.77
C ALA A 256 1.77 23.50 -9.06
N GLU A 257 2.95 23.72 -8.49
CA GLU A 257 4.10 22.80 -8.53
C GLU A 257 4.21 22.08 -7.19
N LEU A 258 4.58 20.80 -7.23
N LEU A 258 4.58 20.80 -7.23
CA LEU A 258 4.89 19.97 -6.04
CA LEU A 258 4.90 19.95 -6.04
C LEU A 258 6.42 19.92 -5.86
C LEU A 258 6.42 19.92 -5.86
N VAL A 259 6.94 20.70 -4.91
CA VAL A 259 8.40 20.96 -4.77
C VAL A 259 9.00 20.12 -3.64
N GLY A 260 8.21 19.76 -2.63
CA GLY A 260 8.65 19.12 -1.39
C GLY A 260 7.78 17.93 -0.97
N PHE A 261 8.44 16.82 -0.64
CA PHE A 261 7.84 15.63 0.00
C PHE A 261 8.76 15.13 1.13
N GLY A 262 8.17 14.96 2.30
CA GLY A 262 8.76 14.37 3.51
C GLY A 262 7.96 13.18 4.00
N MET A 263 8.66 12.12 4.34
CA MET A 263 8.20 10.99 5.17
C MET A 263 9.17 10.88 6.33
N SER A 264 8.76 10.17 7.37
CA SER A 264 9.50 9.93 8.63
C SER A 264 8.59 9.07 9.50
N GLY A 265 9.12 8.01 10.11
CA GLY A 265 8.51 7.34 11.27
C GLY A 265 8.83 8.09 12.55
N ASP A 266 7.81 8.28 13.40
CA ASP A 266 7.93 8.70 14.82
C ASP A 266 8.71 7.64 15.60
N ALA A 267 8.41 6.37 15.32
CA ALA A 267 8.89 5.21 16.09
C ALA A 267 8.42 5.34 17.54
N PHE A 268 7.35 6.11 17.78
CA PHE A 268 6.85 6.46 19.12
C PHE A 268 5.80 5.43 19.61
N HIS A 269 4.68 5.26 18.92
CA HIS A 269 3.53 4.48 19.43
C HIS A 269 2.61 4.03 18.28
N MET A 270 1.98 2.86 18.44
CA MET A 270 1.09 2.21 17.44
C MET A 270 0.01 3.20 16.98
N THR A 271 -0.58 4.00 17.88
CA THR A 271 -1.74 4.88 17.55
C THR A 271 -1.61 6.30 18.10
N ALA A 272 -0.73 6.54 19.07
CA ALA A 272 -0.62 7.83 19.79
C ALA A 272 0.53 8.62 19.18
N PRO A 273 0.34 9.91 18.86
CA PRO A 273 1.41 10.75 18.34
C PRO A 273 2.21 11.31 19.50
N PRO A 274 3.55 11.51 19.36
CA PRO A 274 4.34 12.10 20.45
C PRO A 274 3.84 13.53 20.74
N GLU A 275 3.68 13.89 22.01
CA GLU A 275 3.03 15.17 22.42
C GLU A 275 3.89 16.37 21.97
N ASP A 276 5.22 16.18 21.83
CA ASP A 276 6.20 17.20 21.37
C ASP A 276 6.09 17.45 19.85
N GLY A 277 5.45 16.56 19.09
CA GLY A 277 5.36 16.67 17.63
C GLY A 277 6.67 16.33 16.94
N ALA A 278 7.53 15.55 17.59
CA ALA A 278 8.90 15.20 17.10
C ALA A 278 8.82 14.61 15.69
N GLY A 279 7.74 13.89 15.34
CA GLY A 279 7.62 13.16 14.07
C GLY A 279 7.16 14.04 12.94
N ALA A 280 6.17 14.87 13.23
CA ALA A 280 5.67 15.95 12.36
C ALA A 280 6.81 16.95 12.08
N ALA A 281 7.56 17.32 13.13
CA ALA A 281 8.74 18.22 13.06
C ALA A 281 9.76 17.66 12.06
N ARG A 282 10.27 16.44 12.31
CA ARG A 282 11.25 15.75 11.41
C ARG A 282 10.70 15.78 9.98
N CYS A 283 9.41 15.45 9.80
CA CYS A 283 8.78 15.23 8.47
C CYS A 283 8.74 16.55 7.69
N MET A 284 8.25 17.63 8.32
CA MET A 284 8.18 18.97 7.69
C MET A 284 9.59 19.46 7.37
N LYS A 285 10.57 19.23 8.26
CA LYS A 285 11.99 19.61 8.04
C LYS A 285 12.53 18.90 6.80
N ASN A 286 12.33 17.60 6.66
CA ASN A 286 12.81 16.84 5.47
C ASN A 286 12.18 17.45 4.22
N ALA A 287 10.88 17.75 4.29
CA ALA A 287 10.08 18.19 3.13
C ALA A 287 10.51 19.61 2.70
N LEU A 288 10.87 20.48 3.65
CA LEU A 288 11.27 21.87 3.34
C LEU A 288 12.68 21.84 2.73
N ARG A 289 13.56 21.01 3.30
CA ARG A 289 14.90 20.74 2.71
C ARG A 289 14.71 20.21 1.29
N ASP A 290 13.93 19.14 1.14
CA ASP A 290 13.55 18.51 -0.16
C ASP A 290 13.15 19.59 -1.17
N ALA A 291 12.38 20.61 -0.73
CA ALA A 291 11.94 21.73 -1.59
C ALA A 291 13.01 22.83 -1.73
N GLY A 292 14.12 22.76 -1.01
CA GLY A 292 15.16 23.81 -1.05
C GLY A 292 14.57 25.16 -0.65
N LEU A 293 13.77 25.18 0.43
CA LEU A 293 13.10 26.41 0.95
C LEU A 293 13.59 26.79 2.34
N ASP A 294 13.65 28.12 2.54
CA ASP A 294 13.58 28.79 3.86
C ASP A 294 12.21 28.51 4.46
N PRO A 295 12.11 27.97 5.69
CA PRO A 295 10.81 27.75 6.31
C PRO A 295 9.95 29.02 6.39
N ARG A 296 10.57 30.21 6.36
CA ARG A 296 9.81 31.49 6.47
C ARG A 296 9.00 31.75 5.20
N GLN A 297 9.21 30.98 4.14
CA GLN A 297 8.47 31.11 2.86
C GLN A 297 7.09 30.46 3.00
N VAL A 298 6.91 29.55 3.97
CA VAL A 298 5.62 28.84 4.19
C VAL A 298 4.59 29.87 4.68
N ASP A 299 3.49 30.01 3.94
CA ASP A 299 2.41 31.01 4.21
C ASP A 299 1.19 30.30 4.82
N TYR A 300 0.84 29.13 4.28
CA TYR A 300 -0.35 28.35 4.72
C TYR A 300 0.06 26.91 5.02
N ILE A 301 -0.37 26.39 6.17
CA ILE A 301 -0.33 24.93 6.46
C ILE A 301 -1.77 24.41 6.56
N ASN A 302 -2.09 23.36 5.80
CA ASN A 302 -3.30 22.56 6.04
C ASN A 302 -2.91 21.42 6.98
N ALA A 303 -3.33 21.52 8.24
CA ALA A 303 -2.94 20.58 9.33
C ALA A 303 -3.61 19.22 9.09
N HIS A 304 -3.04 18.16 9.64
CA HIS A 304 -3.80 16.93 9.90
C HIS A 304 -5.08 17.33 10.67
N GLY A 305 -4.93 17.91 11.86
CA GLY A 305 -6.03 18.54 12.63
C GLY A 305 -7.24 17.63 12.78
N THR A 306 -7.05 16.46 13.41
CA THR A 306 -8.04 15.36 13.53
C THR A 306 -9.11 15.63 14.60
N SER A 307 -8.91 16.65 15.46
CA SER A 307 -9.84 16.98 16.58
C SER A 307 -9.73 15.93 17.70
N THR A 308 -8.61 15.21 17.79
CA THR A 308 -8.24 14.40 18.98
C THR A 308 -7.41 15.30 19.92
N PRO A 309 -7.53 15.08 21.25
CA PRO A 309 -6.74 15.83 22.24
C PRO A 309 -5.22 15.88 21.95
N ALA A 310 -4.59 14.73 21.79
CA ALA A 310 -3.12 14.59 21.69
C ALA A 310 -2.65 15.06 20.30
N GLY A 311 -3.30 14.59 19.23
CA GLY A 311 -2.92 14.87 17.84
C GLY A 311 -2.79 16.35 17.54
N ASP A 312 -3.81 17.14 17.91
CA ASP A 312 -3.90 18.60 17.62
C ASP A 312 -2.75 19.32 18.35
N ILE A 313 -2.55 19.08 19.64
CA ILE A 313 -1.53 19.82 20.43
C ILE A 313 -0.14 19.50 19.85
N ALA A 314 0.13 18.22 19.52
CA ALA A 314 1.37 17.75 18.88
C ALA A 314 1.74 18.67 17.70
N GLU A 315 0.74 19.03 16.90
CA GLU A 315 0.91 19.77 15.63
C GLU A 315 1.25 21.23 15.93
N ILE A 316 0.65 21.81 16.98
CA ILE A 316 1.08 23.18 17.41
C ILE A 316 2.57 23.11 17.76
N ALA A 317 2.93 22.23 18.68
CA ALA A 317 4.33 22.03 19.11
C ALA A 317 5.21 21.78 17.86
N ALA A 318 4.78 20.96 16.91
CA ALA A 318 5.60 20.68 15.70
C ALA A 318 5.80 21.97 14.91
N VAL A 319 4.78 22.81 14.77
CA VAL A 319 4.85 24.03 13.92
C VAL A 319 5.67 25.14 14.62
N LYS A 320 5.53 25.26 15.94
CA LYS A 320 6.31 26.25 16.74
C LYS A 320 7.81 25.91 16.64
N SER A 321 8.13 24.63 16.67
CA SER A 321 9.51 24.09 16.71
C SER A 321 10.15 24.26 15.33
N VAL A 322 9.41 24.05 14.25
CA VAL A 322 10.00 24.10 12.88
C VAL A 322 10.11 25.57 12.47
N PHE A 323 9.10 26.37 12.77
CA PHE A 323 8.95 27.72 12.17
C PHE A 323 9.39 28.80 13.16
N GLY A 324 9.72 28.44 14.40
CA GLY A 324 10.08 29.43 15.44
C GLY A 324 9.13 30.61 15.36
N GLU A 325 9.66 31.84 15.31
CA GLU A 325 8.80 33.07 15.31
C GLU A 325 7.90 33.10 14.07
N HIS A 326 8.33 32.52 12.94
CA HIS A 326 7.51 32.54 11.70
C HIS A 326 6.20 31.75 11.91
N ALA A 327 6.14 30.89 12.93
CA ALA A 327 4.92 30.19 13.36
C ALA A 327 3.78 31.19 13.63
N HIS A 328 4.08 32.43 13.97
CA HIS A 328 3.05 33.48 14.26
C HIS A 328 2.69 34.29 13.01
N ALA A 329 3.35 34.06 11.87
CA ALA A 329 3.19 34.86 10.63
C ALA A 329 2.32 34.07 9.63
N LEU A 330 2.63 32.79 9.46
CA LEU A 330 1.84 31.86 8.60
C LEU A 330 0.42 31.72 9.18
N SER A 331 -0.48 31.14 8.38
CA SER A 331 -1.83 30.67 8.78
C SER A 331 -1.87 29.14 8.70
N MET A 332 -2.38 28.48 9.75
CA MET A 332 -2.60 27.01 9.76
C MET A 332 -4.08 26.72 10.01
N SER A 333 -4.68 25.81 9.26
CA SER A 333 -6.09 25.41 9.49
C SER A 333 -6.27 23.92 9.16
N SER A 334 -7.31 23.36 9.75
CA SER A 334 -7.78 21.97 9.57
C SER A 334 -9.14 22.02 8.88
N THR A 335 -9.20 21.55 7.63
CA THR A 335 -10.43 21.45 6.81
C THR A 335 -11.25 20.25 7.32
N LYS A 336 -10.67 19.46 8.22
CA LYS A 336 -11.34 18.34 8.93
C LYS A 336 -12.42 18.90 9.85
N SER A 337 -12.32 20.19 10.20
CA SER A 337 -13.35 20.95 10.95
C SER A 337 -14.70 20.79 10.24
N MET A 338 -14.69 20.69 8.91
CA MET A 338 -15.89 20.74 8.03
C MET A 338 -16.13 19.39 7.36
N THR A 339 -15.08 18.73 6.86
CA THR A 339 -15.16 17.46 6.10
C THR A 339 -15.16 16.25 7.03
N GLY A 340 -14.62 16.41 8.25
CA GLY A 340 -14.14 15.31 9.11
C GLY A 340 -12.94 14.62 8.49
N HIS A 341 -12.63 13.44 9.00
CA HIS A 341 -11.35 12.69 8.78
C HIS A 341 -11.60 11.59 7.76
N LEU A 342 -11.18 11.81 6.51
CA LEU A 342 -11.37 10.86 5.40
C LEU A 342 -10.31 9.75 5.45
N LEU A 343 -9.51 9.72 6.52
CA LEU A 343 -8.53 8.63 6.79
C LEU A 343 -7.52 8.63 5.64
N GLY A 344 -7.50 7.56 4.84
CA GLY A 344 -6.51 7.38 3.76
C GLY A 344 -6.73 8.38 2.63
N ALA A 345 -7.96 8.87 2.47
CA ALA A 345 -8.31 9.91 1.48
C ALA A 345 -8.07 11.33 2.06
N ALA A 346 -7.87 11.48 3.38
CA ALA A 346 -7.63 12.79 4.03
C ALA A 346 -6.47 13.54 3.34
N GLY A 347 -5.38 12.84 3.00
CA GLY A 347 -4.18 13.42 2.40
C GLY A 347 -4.46 13.95 1.00
N ALA A 348 -5.31 13.23 0.27
CA ALA A 348 -5.68 13.54 -1.12
C ALA A 348 -6.57 14.79 -1.13
N VAL A 349 -7.73 14.77 -0.47
CA VAL A 349 -8.63 15.96 -0.52
C VAL A 349 -7.87 17.17 0.02
N GLU A 350 -6.99 17.02 1.01
CA GLU A 350 -6.32 18.17 1.67
C GLU A 350 -5.17 18.68 0.79
N ALA A 351 -4.54 17.81 0.00
CA ALA A 351 -3.60 18.19 -1.08
C ALA A 351 -4.29 19.19 -2.03
N ILE A 352 -5.52 18.88 -2.46
CA ILE A 352 -6.35 19.68 -3.41
C ILE A 352 -6.78 21.00 -2.73
N PHE A 353 -7.28 20.93 -1.50
CA PHE A 353 -7.62 22.16 -0.74
C PHE A 353 -6.40 23.07 -0.66
N SER A 354 -5.20 22.49 -0.45
CA SER A 354 -3.90 23.21 -0.35
C SER A 354 -3.56 23.87 -1.69
N VAL A 355 -3.63 23.12 -2.79
CA VAL A 355 -3.45 23.66 -4.18
C VAL A 355 -4.46 24.78 -4.42
N LEU A 356 -5.67 24.68 -3.86
CA LEU A 356 -6.75 25.67 -4.13
C LEU A 356 -6.54 26.91 -3.25
N ALA A 357 -5.90 26.77 -2.11
CA ALA A 357 -5.49 27.94 -1.29
C ALA A 357 -4.50 28.79 -2.11
N LEU A 358 -3.62 28.10 -2.86
CA LEU A 358 -2.56 28.73 -3.70
C LEU A 358 -3.22 29.47 -4.89
N ARG A 359 -4.15 28.83 -5.58
CA ARG A 359 -4.82 29.41 -6.77
C ARG A 359 -5.62 30.65 -6.38
N ASP A 360 -6.36 30.55 -5.28
CA ASP A 360 -7.39 31.55 -4.90
C ASP A 360 -6.85 32.48 -3.82
N GLN A 361 -5.67 32.20 -3.26
CA GLN A 361 -5.01 33.09 -2.28
C GLN A 361 -5.94 33.29 -1.07
N VAL A 362 -6.36 32.19 -0.47
CA VAL A 362 -7.27 32.20 0.71
C VAL A 362 -6.91 30.99 1.59
N ALA A 363 -6.83 31.24 2.90
CA ALA A 363 -6.71 30.21 3.95
C ALA A 363 -8.10 29.74 4.33
N PRO A 364 -8.41 28.45 4.09
CA PRO A 364 -9.63 27.83 4.59
C PRO A 364 -9.77 27.98 6.11
N PRO A 365 -11.01 28.05 6.63
CA PRO A 365 -11.21 28.19 8.06
C PRO A 365 -11.10 26.86 8.82
N THR A 366 -10.82 26.95 10.11
CA THR A 366 -11.12 25.92 11.13
C THR A 366 -12.43 26.35 11.78
N ILE A 367 -13.57 25.79 11.35
CA ILE A 367 -14.89 26.08 12.00
C ILE A 367 -14.88 25.41 13.39
N ASN A 368 -15.73 25.91 14.30
CA ASN A 368 -15.99 25.33 15.65
C ASN A 368 -14.85 25.59 16.63
N LEU A 369 -13.91 26.45 16.27
CA LEU A 369 -12.75 26.79 17.14
C LEU A 369 -13.18 27.99 18.00
N ASP A 370 -14.04 27.70 18.98
CA ASP A 370 -14.72 28.71 19.82
C ASP A 370 -13.79 29.10 20.97
N ASN A 371 -13.04 28.12 21.48
CA ASN A 371 -12.15 28.29 22.66
C ASN A 371 -10.87 27.53 22.39
N PRO A 372 -9.91 28.16 21.67
CA PRO A 372 -8.61 27.54 21.41
C PRO A 372 -8.04 26.96 22.72
N ASP A 373 -7.34 25.83 22.65
CA ASP A 373 -6.83 25.14 23.87
C ASP A 373 -5.50 25.79 24.30
N GLU A 374 -5.00 25.34 25.46
CA GLU A 374 -3.73 25.77 26.07
C GLU A 374 -2.64 25.67 25.00
N GLY A 375 -1.98 26.79 24.69
CA GLY A 375 -0.82 26.88 23.78
C GLY A 375 -1.22 27.03 22.31
N CYS A 376 -2.46 26.68 21.94
CA CYS A 376 -2.98 26.81 20.56
C CYS A 376 -3.19 28.29 20.22
N ASP A 377 -2.12 29.06 20.10
CA ASP A 377 -2.14 30.55 20.02
C ASP A 377 -1.63 31.03 18.65
N LEU A 378 -1.49 30.13 17.68
CA LEU A 378 -1.11 30.46 16.28
C LEU A 378 -2.32 31.05 15.56
N ASP A 379 -2.15 31.55 14.34
CA ASP A 379 -3.30 31.95 13.49
C ASP A 379 -3.92 30.66 12.95
N LEU A 380 -5.05 30.24 13.51
CA LEU A 380 -5.71 28.96 13.11
C LEU A 380 -6.95 29.22 12.26
N VAL A 381 -7.08 30.44 11.74
CA VAL A 381 -8.14 30.85 10.77
C VAL A 381 -9.49 30.39 11.34
N ALA A 382 -9.72 30.65 12.63
CA ALA A 382 -10.99 30.29 13.33
C ALA A 382 -12.19 30.86 12.56
N HIS A 383 -13.16 30.00 12.26
CA HIS A 383 -14.55 30.35 11.89
C HIS A 383 -14.66 30.68 10.39
N GLU A 384 -13.82 31.59 9.88
CA GLU A 384 -14.03 32.27 8.56
C GLU A 384 -12.76 32.14 7.72
N ALA A 385 -12.92 31.89 6.43
CA ALA A 385 -11.79 31.91 5.47
C ALA A 385 -11.11 33.28 5.57
N LYS A 386 -9.81 33.32 5.29
CA LYS A 386 -8.94 34.51 5.42
C LYS A 386 -8.19 34.71 4.10
N PRO A 387 -8.62 35.65 3.24
CA PRO A 387 -7.84 36.03 2.06
C PRO A 387 -6.45 36.50 2.49
N ARG A 388 -5.40 35.95 1.89
CA ARG A 388 -4.00 36.33 2.25
C ARG A 388 -3.04 35.88 1.14
N LYS A 389 -1.79 36.33 1.25
CA LYS A 389 -0.73 35.98 0.29
C LYS A 389 -0.26 34.57 0.67
N ILE A 390 -0.39 33.65 -0.28
CA ILE A 390 0.13 32.26 -0.19
C ILE A 390 0.98 31.99 -1.44
N ASP A 391 2.29 32.05 -1.28
CA ASP A 391 3.25 31.59 -2.31
C ASP A 391 3.50 30.10 -2.11
N VAL A 392 3.69 29.67 -0.85
CA VAL A 392 4.05 28.27 -0.43
C VAL A 392 3.00 27.75 0.58
N ALA A 393 2.39 26.61 0.25
CA ALA A 393 1.40 25.89 1.07
C ALA A 393 1.95 24.50 1.40
N LEU A 394 1.66 24.03 2.61
N LEU A 394 1.75 24.07 2.65
CA LEU A 394 2.14 22.74 3.14
CA LEU A 394 2.13 22.74 3.19
C LEU A 394 0.94 21.93 3.65
C LEU A 394 0.86 21.96 3.53
N SER A 395 0.91 20.62 3.39
CA SER A 395 -0.17 19.72 3.83
C SER A 395 0.44 18.60 4.66
N ASN A 396 -0.02 18.44 5.90
CA ASN A 396 0.54 17.44 6.85
C ASN A 396 -0.48 16.32 7.11
N SER A 397 0.03 15.10 7.18
CA SER A 397 -0.72 13.88 7.58
C SER A 397 0.15 13.06 8.54
N PHE A 398 -0.51 12.38 9.48
N PHE A 398 -0.48 12.41 9.52
CA PHE A 398 0.08 11.46 10.49
CA PHE A 398 0.14 11.43 10.44
C PHE A 398 -0.89 10.29 10.66
C PHE A 398 -0.87 10.30 10.68
N GLY A 399 -0.37 9.08 10.90
CA GLY A 399 -1.21 7.88 11.02
C GLY A 399 -0.73 6.92 12.08
N PHE A 400 -1.52 5.88 12.33
CA PHE A 400 -1.14 4.71 13.16
C PHE A 400 0.18 4.15 12.60
N GLY A 401 1.05 3.68 13.49
CA GLY A 401 2.38 3.13 13.14
C GLY A 401 3.44 4.19 13.22
N GLY A 402 3.08 5.38 13.71
CA GLY A 402 3.99 6.53 13.80
C GLY A 402 4.39 7.03 12.43
N THR A 403 3.46 6.94 11.48
N THR A 403 3.44 6.89 11.50
CA THR A 403 3.72 7.24 10.05
CA THR A 403 3.55 7.29 10.07
C THR A 403 3.40 8.72 9.80
C THR A 403 3.49 8.82 9.97
N ASN A 404 4.29 9.42 9.09
CA ASN A 404 4.21 10.89 8.86
C ASN A 404 4.45 11.20 7.37
N GLY A 405 3.74 12.21 6.86
CA GLY A 405 3.95 12.72 5.50
C GLY A 405 3.71 14.22 5.44
N THR A 406 4.49 14.90 4.60
CA THR A 406 4.33 16.35 4.30
C THR A 406 4.45 16.57 2.80
N LEU A 407 3.57 17.38 2.25
CA LEU A 407 3.65 17.82 0.84
C LEU A 407 3.85 19.33 0.87
N VAL A 408 4.76 19.82 0.04
CA VAL A 408 5.01 21.27 -0.16
C VAL A 408 4.66 21.62 -1.59
N PHE A 409 3.72 22.55 -1.73
CA PHE A 409 3.26 23.11 -3.04
C PHE A 409 3.59 24.59 -3.05
N ARG A 410 3.89 25.14 -4.24
CA ARG A 410 3.97 26.61 -4.46
C ARG A 410 3.31 26.97 -5.79
N ARG A 411 2.86 28.23 -5.90
CA ARG A 411 2.38 28.86 -7.15
C ARG A 411 3.35 28.59 -8.30
N PHE A 412 2.79 28.21 -9.45
CA PHE A 412 3.52 28.17 -10.75
C PHE A 412 3.00 29.31 -11.64
N ALA A 413 3.91 30.10 -12.22
CA ALA A 413 3.63 31.20 -13.17
C ALA A 413 4.54 31.08 -14.40
N SER B 2 23.69 10.39 -11.11
CA SER B 2 23.98 8.93 -10.93
C SER B 2 23.62 8.48 -9.50
N ARG B 3 23.54 7.17 -9.32
CA ARG B 3 22.59 6.48 -8.42
C ARG B 3 23.31 5.47 -7.52
N ARG B 4 22.93 5.37 -6.25
CA ARG B 4 23.65 4.52 -5.26
C ARG B 4 23.28 3.06 -5.52
N ARG B 5 24.21 2.15 -5.28
CA ARG B 5 24.02 0.70 -5.51
C ARG B 5 23.44 0.05 -4.25
N VAL B 6 22.52 -0.91 -4.41
CA VAL B 6 21.75 -1.54 -3.28
C VAL B 6 22.10 -3.03 -3.17
N VAL B 7 22.44 -3.46 -1.96
CA VAL B 7 22.81 -4.89 -1.69
C VAL B 7 21.90 -5.46 -0.59
N ILE B 8 21.80 -6.79 -0.57
CA ILE B 8 21.07 -7.60 0.43
C ILE B 8 22.07 -8.08 1.50
N THR B 9 21.87 -7.65 2.75
CA THR B 9 22.79 -7.97 3.88
C THR B 9 22.10 -8.84 4.94
N GLY B 10 20.78 -9.07 4.81
CA GLY B 10 19.95 -9.74 5.82
C GLY B 10 18.66 -10.26 5.22
N MET B 11 18.25 -11.47 5.61
CA MET B 11 17.03 -12.13 5.10
C MET B 11 16.36 -12.90 6.25
N GLY B 12 15.02 -12.91 6.23
CA GLY B 12 14.12 -13.53 7.22
C GLY B 12 12.88 -14.06 6.53
N MET B 13 12.28 -15.12 7.08
CA MET B 13 11.22 -15.89 6.37
C MET B 13 10.41 -16.75 7.34
N LEU B 14 9.08 -16.73 7.16
CA LEU B 14 8.13 -17.79 7.58
C LEU B 14 7.49 -18.35 6.31
N SER B 15 7.54 -19.66 6.17
CA SER B 15 7.01 -20.35 4.97
C SER B 15 6.39 -21.68 5.36
N PRO B 16 5.58 -22.27 4.46
CA PRO B 16 5.10 -23.64 4.62
C PRO B 16 6.20 -24.70 4.65
N LEU B 17 7.44 -24.33 4.35
CA LEU B 17 8.59 -25.27 4.37
C LEU B 17 9.44 -25.08 5.63
N GLY B 18 9.22 -24.00 6.39
CA GLY B 18 10.00 -23.79 7.62
C GLY B 18 9.80 -22.44 8.29
N LEU B 19 10.31 -22.31 9.51
CA LEU B 19 10.18 -21.11 10.37
C LEU B 19 11.39 -20.20 10.17
N ASP B 20 12.25 -20.48 9.19
CA ASP B 20 13.39 -19.56 8.86
C ASP B 20 13.90 -19.87 7.46
N VAL B 21 14.90 -19.12 7.01
CA VAL B 21 15.40 -19.21 5.61
C VAL B 21 16.14 -20.53 5.41
N PRO B 22 17.15 -20.91 6.23
CA PRO B 22 17.93 -22.11 5.93
C PRO B 22 17.03 -23.34 5.86
N SER B 23 15.98 -23.43 6.71
CA SER B 23 15.04 -24.58 6.73
C SER B 23 14.13 -24.54 5.49
N SER B 24 13.61 -23.36 5.11
CA SER B 24 12.81 -23.17 3.88
C SER B 24 13.64 -23.57 2.66
N TRP B 25 14.87 -23.06 2.56
CA TRP B 25 15.80 -23.33 1.43
C TRP B 25 16.17 -24.82 1.36
N GLU B 26 16.40 -25.48 2.50
CA GLU B 26 16.62 -26.95 2.58
C GLU B 26 15.41 -27.63 1.94
N GLY B 27 14.20 -27.22 2.36
CA GLY B 27 12.94 -27.68 1.76
C GLY B 27 12.96 -27.52 0.26
N ILE B 28 13.18 -26.29 -0.20
CA ILE B 28 13.15 -25.89 -1.64
C ILE B 28 14.05 -26.84 -2.44
N LEU B 29 15.31 -26.98 -2.05
CA LEU B 29 16.33 -27.68 -2.87
C LEU B 29 16.07 -29.20 -2.83
N ALA B 30 15.34 -29.72 -1.85
CA ALA B 30 15.01 -31.17 -1.77
C ALA B 30 13.69 -31.48 -2.46
N GLY B 31 12.95 -30.48 -2.96
CA GLY B 31 11.67 -30.68 -3.66
C GLY B 31 10.55 -31.10 -2.72
N ARG B 32 10.62 -30.67 -1.46
CA ARG B 32 9.62 -30.98 -0.42
C ARG B 32 8.42 -30.07 -0.66
N SER B 33 7.20 -30.55 -0.37
CA SER B 33 5.93 -29.78 -0.36
C SER B 33 5.62 -29.37 1.09
N GLY B 34 5.14 -28.12 1.28
CA GLY B 34 4.62 -27.61 2.56
C GLY B 34 3.10 -27.57 2.56
N ILE B 35 2.48 -28.27 1.59
CA ILE B 35 1.01 -28.23 1.37
C ILE B 35 0.38 -29.44 2.10
N ALA B 36 -0.70 -29.18 2.82
CA ALA B 36 -1.39 -30.21 3.65
C ALA B 36 -2.82 -29.78 3.96
N PRO B 37 -3.68 -30.75 4.34
CA PRO B 37 -5.05 -30.42 4.73
C PRO B 37 -4.90 -29.38 5.84
N ILE B 38 -5.71 -28.33 5.82
CA ILE B 38 -5.70 -27.25 6.84
C ILE B 38 -6.32 -27.79 8.14
N GLU B 39 -5.70 -27.54 9.29
CA GLU B 39 -6.21 -27.97 10.61
C GLU B 39 -6.78 -26.78 11.39
N HIS B 40 -7.35 -27.05 12.58
CA HIS B 40 -7.88 -26.02 13.51
C HIS B 40 -8.73 -25.02 12.70
N MET B 41 -9.81 -25.53 12.10
CA MET B 41 -10.66 -24.82 11.11
C MET B 41 -11.49 -25.84 10.34
N ASP B 42 -12.80 -25.63 10.27
CA ASP B 42 -13.80 -26.55 9.66
C ASP B 42 -14.02 -26.16 8.19
N LEU B 43 -13.48 -26.97 7.27
CA LEU B 43 -13.53 -26.67 5.82
C LEU B 43 -14.50 -27.62 5.10
N SER B 44 -15.40 -28.31 5.81
CA SER B 44 -16.40 -29.28 5.25
C SER B 44 -17.12 -28.67 4.03
N ALA B 45 -17.58 -27.42 4.16
CA ALA B 45 -18.44 -26.70 3.19
C ALA B 45 -17.61 -26.05 2.08
N TYR B 46 -16.29 -26.21 2.07
CA TYR B 46 -15.31 -25.58 1.13
C TYR B 46 -14.95 -26.59 0.05
N SER B 47 -14.67 -26.13 -1.18
CA SER B 47 -14.26 -26.98 -2.34
C SER B 47 -12.75 -27.27 -2.28
N THR B 48 -12.02 -26.46 -1.51
CA THR B 48 -10.57 -26.60 -1.20
C THR B 48 -10.41 -26.76 0.32
N ARG B 49 -9.65 -27.77 0.78
CA ARG B 49 -9.52 -28.16 2.21
C ARG B 49 -8.04 -28.23 2.63
N PHE B 50 -7.12 -27.74 1.79
CA PHE B 50 -5.65 -27.83 1.96
C PHE B 50 -5.01 -26.50 1.52
N GLY B 51 -3.73 -26.33 1.89
CA GLY B 51 -2.90 -25.14 1.58
C GLY B 51 -1.55 -25.20 2.28
N GLY B 52 -0.79 -24.11 2.20
CA GLY B 52 0.53 -23.97 2.82
C GLY B 52 0.39 -23.22 4.13
N SER B 53 0.37 -23.94 5.24
CA SER B 53 0.21 -23.34 6.59
C SER B 53 1.61 -23.19 7.21
N VAL B 54 1.86 -22.11 7.94
CA VAL B 54 3.11 -21.99 8.75
C VAL B 54 2.99 -22.91 9.97
N LYS B 55 3.76 -24.01 10.00
CA LYS B 55 3.62 -25.09 11.01
C LYS B 55 4.61 -24.86 12.16
N GLY B 56 4.09 -24.61 13.36
CA GLY B 56 4.87 -24.65 14.61
C GLY B 56 5.33 -23.28 15.06
N PHE B 57 4.74 -22.21 14.56
CA PHE B 57 5.24 -20.82 14.76
C PHE B 57 4.99 -20.40 16.21
N ASN B 58 6.05 -19.94 16.86
CA ASN B 58 5.99 -19.41 18.25
C ASN B 58 6.27 -17.89 18.24
N VAL B 59 5.19 -17.09 18.17
CA VAL B 59 5.25 -15.59 18.16
C VAL B 59 6.02 -15.06 19.38
N GLU B 60 5.99 -15.78 20.50
CA GLU B 60 6.61 -15.30 21.76
C GLU B 60 8.14 -15.30 21.68
N GLU B 61 8.76 -15.90 20.65
CA GLU B 61 10.21 -15.71 20.36
C GLU B 61 10.46 -14.27 19.93
N TYR B 62 9.42 -13.55 19.53
CA TYR B 62 9.51 -12.20 18.91
C TYR B 62 8.88 -11.17 19.84
N LEU B 63 7.68 -11.47 20.35
CA LEU B 63 6.84 -10.50 21.11
C LEU B 63 6.36 -11.13 22.41
N SER B 64 6.04 -10.29 23.39
CA SER B 64 5.23 -10.67 24.58
C SER B 64 3.88 -11.19 24.09
N ALA B 65 3.25 -12.07 24.87
CA ALA B 65 1.87 -12.56 24.64
C ALA B 65 0.96 -11.33 24.51
N LYS B 66 1.21 -10.32 25.33
CA LYS B 66 0.32 -9.13 25.36
C LYS B 66 0.36 -8.40 24.01
N GLU B 67 1.55 -8.12 23.47
N GLU B 67 1.58 -8.11 23.53
CA GLU B 67 1.69 -7.38 22.18
CA GLU B 67 1.87 -7.48 22.21
C GLU B 67 1.21 -8.27 21.02
C GLU B 67 1.18 -8.28 21.10
N ALA B 68 1.44 -9.60 21.08
CA ALA B 68 1.04 -10.52 19.99
C ALA B 68 -0.50 -10.64 19.89
N ARG B 69 -1.21 -10.59 21.03
CA ARG B 69 -2.70 -10.68 21.11
C ARG B 69 -3.35 -9.46 20.46
N LYS B 70 -2.62 -8.37 20.25
CA LYS B 70 -3.17 -7.14 19.61
C LYS B 70 -3.14 -7.28 18.08
N LEU B 71 -2.37 -8.22 17.52
CA LEU B 71 -1.90 -8.19 16.11
C LEU B 71 -2.39 -9.41 15.35
N ASP B 72 -2.91 -9.20 14.13
CA ASP B 72 -3.29 -10.29 13.19
C ASP B 72 -2.09 -11.18 12.92
N LEU B 73 -2.36 -12.45 12.64
CA LEU B 73 -1.31 -13.44 12.25
C LEU B 73 -0.42 -12.83 11.15
N PHE B 74 -1.01 -12.14 10.15
CA PHE B 74 -0.22 -11.61 8.99
C PHE B 74 0.85 -10.64 9.54
N ILE B 75 0.53 -9.89 10.59
CA ILE B 75 1.47 -8.89 11.17
C ILE B 75 2.55 -9.64 11.97
N GLN B 76 2.13 -10.60 12.79
CA GLN B 76 3.06 -11.47 13.55
C GLN B 76 4.08 -12.06 12.57
N TYR B 77 3.61 -12.63 11.47
CA TYR B 77 4.43 -13.26 10.41
C TYR B 77 5.41 -12.24 9.82
N GLY B 78 4.95 -11.00 9.57
CA GLY B 78 5.77 -9.93 9.00
C GLY B 78 6.85 -9.50 9.98
N LEU B 79 6.46 -9.27 11.24
CA LEU B 79 7.41 -8.92 12.32
C LEU B 79 8.44 -10.05 12.46
N ALA B 80 8.02 -11.30 12.53
CA ALA B 80 8.95 -12.45 12.64
C ALA B 80 10.02 -12.36 11.56
N ALA B 81 9.61 -12.27 10.28
CA ALA B 81 10.50 -12.16 9.10
C ALA B 81 11.42 -10.93 9.24
N SER B 82 10.87 -9.76 9.59
CA SER B 82 11.59 -8.47 9.74
C SER B 82 12.70 -8.61 10.79
N PHE B 83 12.34 -9.08 11.99
CA PHE B 83 13.24 -9.37 13.12
C PHE B 83 14.33 -10.38 12.67
N GLN B 84 13.98 -11.51 12.07
CA GLN B 84 14.99 -12.49 11.56
C GLN B 84 16.01 -11.76 10.69
N ALA B 85 15.50 -10.96 9.74
CA ALA B 85 16.30 -10.29 8.68
C ALA B 85 17.27 -9.29 9.31
N VAL B 86 16.75 -8.42 10.19
CA VAL B 86 17.55 -7.37 10.87
C VAL B 86 18.70 -8.04 11.63
N ARG B 87 18.40 -9.07 12.43
CA ARG B 87 19.39 -9.89 13.17
C ARG B 87 20.38 -10.52 12.17
N ASP B 88 19.89 -11.05 11.06
CA ASP B 88 20.73 -11.67 9.99
C ASP B 88 21.73 -10.65 9.39
N SER B 89 21.43 -9.34 9.46
CA SER B 89 22.25 -8.29 8.84
C SER B 89 23.37 -7.84 9.81
N GLY B 90 23.22 -8.16 11.10
CA GLY B 90 24.05 -7.62 12.19
C GLY B 90 24.03 -6.10 12.25
N LEU B 91 22.98 -5.45 11.74
CA LEU B 91 22.91 -3.97 11.75
C LEU B 91 22.78 -3.50 13.21
N GLU B 92 23.57 -2.51 13.61
CA GLU B 92 23.37 -1.76 14.88
C GLU B 92 22.58 -0.50 14.53
N VAL B 93 21.36 -0.34 15.07
CA VAL B 93 20.60 0.93 14.95
C VAL B 93 21.15 1.87 16.03
N THR B 94 21.39 3.14 15.69
CA THR B 94 21.97 4.15 16.63
C THR B 94 21.27 5.48 16.43
N ASP B 95 21.57 6.46 17.30
CA ASP B 95 21.07 7.85 17.14
C ASP B 95 21.68 8.42 15.86
N ALA B 96 22.85 7.95 15.46
CA ALA B 96 23.60 8.47 14.31
C ALA B 96 22.94 8.05 12.99
N ASN B 97 22.21 6.93 12.97
CA ASN B 97 21.78 6.31 11.70
C ASN B 97 20.28 6.00 11.66
N ARG B 98 19.52 6.30 12.72
CA ARG B 98 18.11 5.84 12.86
C ARG B 98 17.18 6.58 11.87
N GLU B 99 17.54 7.81 11.47
CA GLU B 99 16.71 8.60 10.53
C GLU B 99 16.92 8.08 9.10
N ARG B 100 17.87 7.17 8.89
CA ARG B 100 18.27 6.68 7.54
C ARG B 100 17.91 5.20 7.42
N ILE B 101 17.13 4.68 8.36
CA ILE B 101 16.63 3.27 8.33
C ILE B 101 15.10 3.34 8.34
N GLY B 102 14.48 2.90 7.24
CA GLY B 102 13.02 2.88 7.05
C GLY B 102 12.53 1.47 6.80
N VAL B 103 11.21 1.32 6.60
N VAL B 103 11.23 1.32 6.52
CA VAL B 103 10.51 0.01 6.48
CA VAL B 103 10.54 0.01 6.47
C VAL B 103 9.43 0.10 5.40
C VAL B 103 9.40 0.07 5.44
N SER B 104 9.35 -0.92 4.54
CA SER B 104 8.29 -1.07 3.53
C SER B 104 7.91 -2.55 3.51
N MET B 105 7.16 -2.98 4.51
CA MET B 105 6.54 -4.33 4.58
C MET B 105 5.05 -4.22 4.19
N GLY B 106 4.60 -5.06 3.28
CA GLY B 106 3.25 -4.97 2.72
C GLY B 106 2.46 -6.26 2.85
N SER B 107 1.21 -6.21 2.41
CA SER B 107 0.29 -7.37 2.33
C SER B 107 -0.68 -7.17 1.17
N GLY B 108 -1.03 -8.24 0.48
CA GLY B 108 -2.09 -8.24 -0.55
C GLY B 108 -3.45 -8.00 0.05
N ILE B 109 -3.74 -8.67 1.16
CA ILE B 109 -5.14 -8.85 1.68
C ILE B 109 -5.25 -8.39 3.14
N GLY B 110 -4.19 -8.54 3.93
CA GLY B 110 -4.12 -7.96 5.28
C GLY B 110 -4.83 -8.83 6.28
N GLY B 111 -5.70 -8.24 7.10
CA GLY B 111 -6.19 -8.81 8.37
C GLY B 111 -7.53 -9.50 8.25
N LEU B 112 -7.70 -10.35 7.23
CA LEU B 112 -8.95 -11.11 7.04
C LEU B 112 -9.32 -11.88 8.29
N THR B 113 -8.38 -12.64 8.87
CA THR B 113 -8.67 -13.56 10.01
C THR B 113 -9.19 -12.79 11.22
N ASN B 114 -8.63 -11.60 11.48
N ASN B 114 -8.65 -11.60 11.46
CA ASN B 114 -9.05 -10.71 12.59
CA ASN B 114 -9.06 -10.71 12.59
C ASN B 114 -10.43 -10.11 12.25
C ASN B 114 -10.41 -10.07 12.26
N ILE B 115 -10.60 -9.64 11.01
CA ILE B 115 -11.89 -9.05 10.55
C ILE B 115 -13.01 -10.09 10.70
N GLU B 116 -12.68 -11.35 10.39
CA GLU B 116 -13.58 -12.53 10.47
C GLU B 116 -14.01 -12.76 11.91
N ASN B 117 -13.05 -12.74 12.85
CA ASN B 117 -13.30 -13.03 14.28
C ASN B 117 -14.05 -11.85 14.93
N ASN B 118 -13.69 -10.61 14.63
CA ASN B 118 -14.38 -9.42 15.18
C ASN B 118 -15.78 -9.32 14.54
N CYS B 119 -15.94 -9.85 13.32
CA CYS B 119 -17.24 -9.96 12.62
C CYS B 119 -18.13 -10.98 13.33
N ARG B 120 -17.58 -12.17 13.63
CA ARG B 120 -18.23 -13.24 14.42
C ARG B 120 -18.84 -12.60 15.67
N SER B 121 -18.03 -11.88 16.43
CA SER B 121 -18.44 -11.19 17.67
C SER B 121 -19.49 -10.10 17.37
N LEU B 122 -19.31 -9.33 16.31
CA LEU B 122 -20.24 -8.22 15.96
C LEU B 122 -21.63 -8.77 15.69
N PHE B 123 -21.73 -9.91 15.00
CA PHE B 123 -23.01 -10.49 14.50
C PHE B 123 -23.74 -11.23 15.62
N GLU B 124 -22.99 -11.76 16.58
CA GLU B 124 -23.54 -12.62 17.66
C GLU B 124 -23.97 -11.79 18.88
N GLN B 125 -23.21 -10.73 19.19
N GLN B 125 -23.21 -10.75 19.25
CA GLN B 125 -23.28 -9.97 20.47
CA GLN B 125 -23.51 -9.93 20.46
C GLN B 125 -23.33 -8.44 20.25
C GLN B 125 -23.16 -8.46 20.24
N GLY B 126 -23.25 -7.96 19.00
CA GLY B 126 -23.20 -6.52 18.69
C GLY B 126 -21.81 -5.91 18.85
N PRO B 127 -21.67 -4.58 18.63
CA PRO B 127 -20.37 -3.93 18.51
C PRO B 127 -19.51 -3.75 19.78
N ARG B 128 -20.07 -3.94 20.97
CA ARG B 128 -19.32 -3.75 22.24
C ARG B 128 -18.35 -4.92 22.43
N ARG B 129 -18.39 -5.95 21.58
CA ARG B 129 -17.44 -7.09 21.60
C ARG B 129 -16.33 -6.91 20.56
N ILE B 130 -16.29 -5.78 19.85
CA ILE B 130 -15.17 -5.47 18.90
C ILE B 130 -13.96 -5.04 19.74
N SER B 131 -12.84 -5.76 19.57
CA SER B 131 -11.54 -5.44 20.20
C SER B 131 -11.21 -3.97 19.95
N PRO B 132 -10.65 -3.27 20.98
CA PRO B 132 -10.19 -1.89 20.80
C PRO B 132 -8.93 -1.80 19.92
N PHE B 133 -8.23 -2.92 19.72
CA PHE B 133 -7.01 -3.06 18.88
C PHE B 133 -7.38 -3.61 17.52
N PHE B 134 -8.68 -3.67 17.20
CA PHE B 134 -9.21 -4.18 15.92
C PHE B 134 -8.57 -3.46 14.73
N VAL B 135 -8.63 -2.12 14.71
CA VAL B 135 -8.12 -1.28 13.59
C VAL B 135 -6.59 -1.39 13.49
N PRO B 136 -5.81 -0.97 14.51
CA PRO B 136 -4.35 -0.96 14.37
C PRO B 136 -3.80 -2.40 14.33
N GLY B 137 -4.53 -3.35 14.90
CA GLY B 137 -4.13 -4.76 14.91
C GLY B 137 -4.41 -5.49 13.60
N SER B 138 -5.04 -4.80 12.62
CA SER B 138 -5.54 -5.42 11.37
C SER B 138 -5.00 -4.71 10.12
N ILE B 139 -4.76 -3.41 10.13
CA ILE B 139 -4.38 -2.61 8.92
C ILE B 139 -2.95 -2.96 8.48
N ILE B 140 -2.70 -2.83 7.17
CA ILE B 140 -1.52 -3.45 6.49
C ILE B 140 -0.21 -2.73 6.86
N ASN B 141 -0.28 -1.47 7.29
CA ASN B 141 0.95 -0.66 7.54
C ASN B 141 1.49 -0.94 8.95
N MET B 142 0.87 -1.84 9.72
CA MET B 142 1.24 -2.06 11.15
C MET B 142 2.47 -2.99 11.28
N VAL B 143 2.87 -3.74 10.25
CA VAL B 143 4.19 -4.46 10.29
C VAL B 143 5.28 -3.40 10.25
N SER B 144 5.21 -2.50 9.27
CA SER B 144 6.12 -1.34 9.17
C SER B 144 5.99 -0.47 10.43
N GLY B 145 4.78 -0.26 10.93
CA GLY B 145 4.60 0.59 12.11
C GLY B 145 5.26 -0.04 13.31
N PHE B 146 4.89 -1.29 13.60
CA PHE B 146 5.34 -1.99 14.82
C PHE B 146 6.85 -2.19 14.72
N LEU B 147 7.38 -2.55 13.55
CA LEU B 147 8.83 -2.81 13.43
C LEU B 147 9.58 -1.51 13.74
N SER B 148 9.15 -0.39 13.15
N SER B 148 9.15 -0.39 13.14
CA SER B 148 9.76 0.95 13.33
CA SER B 148 9.72 0.96 13.32
C SER B 148 9.75 1.34 14.81
C SER B 148 9.74 1.34 14.80
N ILE B 149 8.61 1.18 15.49
CA ILE B 149 8.49 1.48 16.95
C ILE B 149 9.42 0.57 17.75
N HIS B 150 9.45 -0.73 17.44
CA HIS B 150 10.28 -1.73 18.17
C HIS B 150 11.78 -1.47 17.98
N LEU B 151 12.25 -1.20 16.76
CA LEU B 151 13.71 -0.99 16.48
C LEU B 151 14.06 0.50 16.53
N GLY B 152 13.09 1.41 16.55
CA GLY B 152 13.35 2.86 16.58
C GLY B 152 13.75 3.40 15.21
N LEU B 153 13.16 2.84 14.15
CA LEU B 153 13.46 3.23 12.75
C LEU B 153 12.70 4.53 12.42
N GLN B 154 13.40 5.55 11.92
CA GLN B 154 12.84 6.92 11.70
C GLN B 154 12.97 7.31 10.24
N GLY B 155 13.44 6.40 9.38
CA GLY B 155 13.47 6.61 7.91
C GLY B 155 12.09 6.44 7.27
N PRO B 156 12.02 6.37 5.92
CA PRO B 156 10.75 6.15 5.22
C PRO B 156 9.97 4.99 5.83
N ASN B 157 8.76 5.27 6.31
N ASN B 157 8.74 5.27 6.29
CA ASN B 157 7.84 4.29 6.96
CA ASN B 157 7.82 4.32 6.97
C ASN B 157 6.57 4.16 6.11
C ASN B 157 6.55 4.16 6.11
N TYR B 158 6.40 3.04 5.40
CA TYR B 158 5.21 2.81 4.55
C TYR B 158 4.98 1.33 4.28
N ALA B 159 3.88 1.05 3.58
CA ALA B 159 3.52 -0.32 3.16
C ALA B 159 2.87 -0.22 1.77
N LEU B 160 3.19 -1.20 0.92
CA LEU B 160 2.53 -1.45 -0.38
C LEU B 160 1.43 -2.49 -0.18
N THR B 161 0.38 -2.40 -0.98
CA THR B 161 -0.60 -3.50 -1.16
C THR B 161 -0.94 -3.53 -2.65
N THR B 162 -0.32 -4.46 -3.37
CA THR B 162 -0.48 -4.66 -4.83
C THR B 162 -0.75 -6.15 -5.07
N ALA B 163 -1.71 -6.69 -4.32
CA ALA B 163 -2.22 -8.07 -4.44
C ALA B 163 -1.04 -9.03 -4.39
N GLN B 164 -0.98 -9.97 -5.34
CA GLN B 164 0.07 -11.02 -5.40
C GLN B 164 1.41 -10.42 -5.88
N THR B 165 1.45 -9.13 -6.21
CA THR B 165 2.68 -8.44 -6.65
C THR B 165 3.36 -7.73 -5.46
N THR B 166 2.70 -7.66 -4.30
CA THR B 166 3.08 -6.82 -3.13
C THR B 166 4.55 -7.00 -2.73
N GLY B 167 5.00 -8.23 -2.46
CA GLY B 167 6.37 -8.48 -1.94
C GLY B 167 7.45 -7.91 -2.85
N THR B 168 7.25 -8.05 -4.16
CA THR B 168 8.18 -7.60 -5.24
C THR B 168 8.18 -6.08 -5.30
N HIS B 169 7.00 -5.48 -5.39
CA HIS B 169 6.87 -4.00 -5.39
C HIS B 169 7.53 -3.42 -4.14
N SER B 170 7.35 -4.03 -2.96
CA SER B 170 7.87 -3.53 -1.66
C SER B 170 9.40 -3.47 -1.70
N ILE B 171 10.03 -4.58 -2.05
CA ILE B 171 11.50 -4.70 -2.14
C ILE B 171 12.02 -3.70 -3.18
N GLY B 172 11.40 -3.67 -4.35
CA GLY B 172 11.76 -2.79 -5.48
C GLY B 172 11.75 -1.31 -5.11
N MET B 173 10.68 -0.82 -4.46
N MET B 173 10.66 -0.82 -4.50
CA MET B 173 10.50 0.62 -4.14
CA MET B 173 10.49 0.61 -4.13
C MET B 173 11.31 1.00 -2.89
C MET B 173 11.42 0.97 -2.96
N ALA B 174 11.63 0.03 -2.02
CA ALA B 174 12.59 0.20 -0.91
C ALA B 174 13.98 0.46 -1.49
N ALA B 175 14.39 -0.36 -2.46
CA ALA B 175 15.65 -0.24 -3.23
C ALA B 175 15.74 1.16 -3.84
N ARG B 176 14.66 1.66 -4.43
CA ARG B 176 14.63 3.02 -5.04
C ARG B 176 14.96 4.07 -3.96
N ASN B 177 14.36 3.97 -2.77
CA ASN B 177 14.55 4.93 -1.66
C ASN B 177 16.07 5.06 -1.38
N ILE B 178 16.80 3.94 -1.43
CA ILE B 178 18.24 3.87 -1.06
C ILE B 178 19.06 4.48 -2.20
N ALA B 179 18.83 4.01 -3.41
CA ALA B 179 19.47 4.45 -4.67
C ALA B 179 19.42 5.97 -4.79
N TYR B 180 18.26 6.57 -4.55
CA TYR B 180 18.04 8.04 -4.72
C TYR B 180 18.30 8.74 -3.39
N GLY B 181 18.92 8.03 -2.44
CA GLY B 181 19.56 8.56 -1.23
C GLY B 181 18.57 9.01 -0.17
N GLU B 182 17.32 8.52 -0.21
CA GLU B 182 16.28 8.87 0.80
C GLU B 182 16.54 8.06 2.08
N ALA B 183 17.25 6.94 1.98
CA ALA B 183 17.55 6.03 3.11
C ALA B 183 18.86 5.30 2.83
N ASP B 184 19.56 4.85 3.88
CA ASP B 184 20.74 3.96 3.75
C ASP B 184 20.35 2.51 3.98
N VAL B 185 19.34 2.26 4.83
CA VAL B 185 18.87 0.87 5.08
C VAL B 185 17.35 0.83 4.98
N MET B 186 16.80 -0.23 4.39
CA MET B 186 15.33 -0.46 4.39
C MET B 186 15.07 -1.93 4.74
N VAL B 187 14.10 -2.20 5.61
CA VAL B 187 13.48 -3.56 5.77
C VAL B 187 12.26 -3.65 4.86
N ALA B 188 12.26 -4.57 3.90
CA ALA B 188 11.19 -4.65 2.87
C ALA B 188 10.81 -6.10 2.62
N GLY B 189 9.53 -6.31 2.30
CA GLY B 189 8.97 -7.60 1.91
C GLY B 189 7.46 -7.60 2.09
N GLY B 190 6.91 -8.75 2.44
CA GLY B 190 5.45 -8.85 2.68
C GLY B 190 5.14 -9.97 3.62
N SER B 191 3.90 -9.99 4.11
CA SER B 191 3.34 -11.09 4.93
C SER B 191 1.87 -11.30 4.54
N GLU B 192 1.39 -12.54 4.69
CA GLU B 192 0.01 -12.92 4.32
C GLU B 192 -0.44 -14.08 5.19
N MET B 193 -1.69 -14.04 5.64
N MET B 193 -1.72 -14.05 5.60
CA MET B 193 -2.40 -15.18 6.27
CA MET B 193 -2.43 -15.14 6.30
C MET B 193 -3.89 -15.03 5.93
C MET B 193 -3.91 -15.06 5.95
N ALA B 194 -4.27 -15.49 4.74
CA ALA B 194 -5.64 -15.38 4.19
C ALA B 194 -6.39 -16.72 4.30
N ALA B 195 -5.75 -17.75 4.87
CA ALA B 195 -6.34 -19.10 5.07
C ALA B 195 -7.37 -19.04 6.22
N CYS B 196 -8.26 -18.06 6.14
CA CYS B 196 -9.53 -18.00 6.89
C CYS B 196 -10.66 -18.37 5.94
N GLY B 197 -11.88 -18.47 6.46
CA GLY B 197 -13.08 -18.73 5.65
C GLY B 197 -13.11 -17.79 4.46
N LEU B 198 -12.79 -16.52 4.67
CA LEU B 198 -13.01 -15.45 3.67
C LEU B 198 -11.99 -15.59 2.54
N GLY B 199 -10.78 -16.06 2.83
CA GLY B 199 -9.72 -16.26 1.83
C GLY B 199 -10.00 -17.48 0.95
N LEU B 200 -10.11 -18.65 1.57
CA LEU B 200 -10.41 -19.91 0.84
C LEU B 200 -11.78 -19.75 0.14
N GLY B 201 -12.76 -19.12 0.78
CA GLY B 201 -14.09 -18.92 0.19
C GLY B 201 -14.08 -17.87 -0.89
N GLY B 202 -13.39 -16.75 -0.63
CA GLY B 202 -13.15 -15.68 -1.62
C GLY B 202 -12.60 -16.23 -2.91
N PHE B 203 -11.44 -16.89 -2.83
CA PHE B 203 -10.71 -17.43 -4.00
C PHE B 203 -11.43 -18.64 -4.57
N GLY B 204 -12.11 -19.40 -3.71
CA GLY B 204 -12.93 -20.57 -4.08
C GLY B 204 -14.11 -20.15 -4.94
N ALA B 205 -14.79 -19.04 -4.59
CA ALA B 205 -15.96 -18.47 -5.28
C ALA B 205 -15.59 -18.03 -6.70
N ALA B 206 -14.35 -17.59 -6.93
CA ALA B 206 -13.80 -17.23 -8.26
C ALA B 206 -13.22 -18.47 -8.95
N ARG B 207 -13.28 -19.63 -8.29
CA ARG B 207 -12.82 -20.96 -8.79
C ARG B 207 -11.37 -20.81 -9.27
N ALA B 208 -10.60 -19.98 -8.55
CA ALA B 208 -9.17 -19.70 -8.74
C ALA B 208 -8.31 -20.78 -8.09
N LEU B 209 -8.84 -21.55 -7.13
CA LEU B 209 -8.10 -22.53 -6.29
C LEU B 209 -8.10 -23.94 -6.91
N SER B 210 -7.01 -24.69 -6.75
CA SER B 210 -6.96 -26.16 -6.96
C SER B 210 -7.95 -26.85 -6.01
N THR B 211 -8.70 -27.85 -6.49
CA THR B 211 -9.64 -28.64 -5.66
C THR B 211 -9.13 -30.08 -5.56
N ARG B 212 -7.83 -30.33 -5.73
CA ARG B 212 -7.23 -31.69 -5.68
C ARG B 212 -7.02 -32.10 -4.22
N ASN B 213 -8.12 -32.26 -3.47
CA ASN B 213 -8.10 -32.56 -2.01
C ASN B 213 -7.46 -33.94 -1.76
N ASP B 214 -7.56 -34.87 -2.71
CA ASP B 214 -7.06 -36.27 -2.59
C ASP B 214 -5.51 -36.30 -2.59
N GLU B 215 -4.82 -35.34 -3.23
CA GLU B 215 -3.33 -35.33 -3.29
C GLU B 215 -2.79 -33.90 -3.14
N PRO B 216 -2.82 -33.31 -1.92
CA PRO B 216 -2.55 -31.88 -1.76
C PRO B 216 -1.13 -31.49 -2.19
N THR B 217 -0.17 -32.40 -2.01
CA THR B 217 1.26 -32.17 -2.37
C THR B 217 1.39 -32.04 -3.88
N ARG B 218 0.40 -32.52 -4.64
CA ARG B 218 0.45 -32.62 -6.12
C ARG B 218 -0.43 -31.56 -6.77
N ALA B 219 -1.19 -30.80 -5.99
CA ALA B 219 -2.16 -29.77 -6.45
C ALA B 219 -1.44 -28.66 -7.19
N SER B 220 -0.32 -28.18 -6.63
CA SER B 220 0.53 -27.11 -7.21
C SER B 220 1.52 -27.72 -8.21
N ARG B 221 1.28 -27.47 -9.49
CA ARG B 221 1.97 -28.15 -10.62
C ARG B 221 2.01 -27.17 -11.79
N PRO B 222 2.77 -26.07 -11.66
CA PRO B 222 2.88 -25.05 -12.72
C PRO B 222 3.35 -25.62 -14.07
N TRP B 223 2.65 -25.22 -15.14
CA TRP B 223 2.94 -25.63 -16.54
C TRP B 223 2.58 -27.10 -16.79
N ASP B 224 2.07 -27.84 -15.79
CA ASP B 224 1.57 -29.22 -15.97
C ASP B 224 0.18 -29.12 -16.60
N ARG B 225 -0.13 -30.06 -17.50
CA ARG B 225 -1.41 -30.04 -18.25
C ARG B 225 -2.59 -30.33 -17.31
N ASP B 226 -2.38 -30.91 -16.12
CA ASP B 226 -3.46 -31.25 -15.15
C ASP B 226 -3.67 -30.15 -14.08
N ARG B 227 -2.91 -29.05 -14.10
CA ARG B 227 -3.05 -27.94 -13.13
C ARG B 227 -4.51 -27.44 -13.13
N ASP B 228 -4.98 -26.88 -12.01
CA ASP B 228 -6.42 -26.59 -11.83
C ASP B 228 -6.61 -25.38 -10.88
N GLY B 229 -5.62 -24.48 -10.85
CA GLY B 229 -5.65 -23.28 -10.00
C GLY B 229 -4.55 -23.35 -8.96
N PHE B 230 -4.37 -22.27 -8.19
CA PHE B 230 -3.23 -22.11 -7.26
C PHE B 230 -3.59 -22.73 -5.90
N VAL B 231 -2.58 -22.83 -5.04
CA VAL B 231 -2.74 -23.28 -3.63
C VAL B 231 -2.52 -22.06 -2.75
N LEU B 232 -3.44 -21.81 -1.81
CA LEU B 232 -3.33 -20.67 -0.86
C LEU B 232 -2.35 -21.04 0.26
N SER B 233 -1.29 -20.25 0.43
CA SER B 233 -0.24 -20.47 1.44
C SER B 233 -0.06 -19.19 2.25
N ASP B 234 0.52 -19.34 3.44
CA ASP B 234 0.70 -18.26 4.46
C ASP B 234 2.18 -18.05 4.71
N GLY B 235 2.54 -16.86 5.16
CA GLY B 235 3.90 -16.60 5.67
C GLY B 235 4.38 -15.19 5.41
N SER B 236 5.70 -15.05 5.35
CA SER B 236 6.41 -13.76 5.32
C SER B 236 7.80 -13.96 4.71
N GLY B 237 8.25 -12.96 3.93
CA GLY B 237 9.66 -12.71 3.61
C GLY B 237 10.05 -11.28 3.97
N ALA B 238 11.31 -11.09 4.34
CA ALA B 238 11.87 -9.76 4.62
C ALA B 238 13.33 -9.77 4.24
N LEU B 239 13.79 -8.69 3.59
CA LEU B 239 15.21 -8.46 3.26
C LEU B 239 15.64 -7.16 3.93
N VAL B 240 16.87 -7.15 4.45
CA VAL B 240 17.59 -5.89 4.74
C VAL B 240 18.27 -5.43 3.44
N LEU B 241 17.79 -4.32 2.91
CA LEU B 241 18.41 -3.64 1.75
C LEU B 241 19.35 -2.59 2.33
N GLU B 242 20.52 -2.41 1.73
CA GLU B 242 21.58 -1.52 2.26
C GLU B 242 22.36 -0.91 1.08
N GLU B 243 22.61 0.41 1.14
CA GLU B 243 23.56 1.09 0.22
C GLU B 243 24.93 0.41 0.35
N LEU B 244 25.64 0.17 -0.76
CA LEU B 244 26.87 -0.69 -0.80
C LEU B 244 27.96 -0.12 0.13
N GLU B 245 28.22 1.18 0.10
CA GLU B 245 29.36 1.76 0.87
C GLU B 245 29.07 1.59 2.36
N HIS B 246 27.81 1.74 2.77
CA HIS B 246 27.36 1.54 4.18
C HIS B 246 27.49 0.07 4.57
N ALA B 247 27.31 -0.87 3.63
CA ALA B 247 27.51 -2.32 3.92
C ALA B 247 28.99 -2.59 4.16
N ARG B 248 29.84 -2.13 3.24
CA ARG B 248 31.30 -2.39 3.22
C ARG B 248 31.98 -1.77 4.44
N ALA B 249 31.57 -0.54 4.80
CA ALA B 249 32.07 0.28 5.91
C ALA B 249 31.94 -0.48 7.24
N ARG B 250 30.85 -1.25 7.44
CA ARG B 250 30.60 -2.02 8.69
C ARG B 250 30.98 -3.50 8.48
N GLY B 251 31.57 -3.87 7.35
CA GLY B 251 31.93 -5.28 7.04
C GLY B 251 30.71 -6.21 7.06
N ALA B 252 29.62 -5.83 6.40
CA ALA B 252 28.41 -6.67 6.28
C ALA B 252 28.68 -7.87 5.37
N ARG B 253 28.09 -9.02 5.69
CA ARG B 253 27.94 -10.14 4.73
C ARG B 253 26.91 -9.69 3.69
N ILE B 254 27.30 -9.69 2.42
CA ILE B 254 26.45 -9.33 1.26
C ILE B 254 26.07 -10.63 0.56
N TYR B 255 24.76 -10.91 0.44
CA TYR B 255 24.26 -12.11 -0.26
C TYR B 255 24.31 -11.88 -1.78
N ALA B 256 23.93 -10.69 -2.20
CA ALA B 256 23.80 -10.35 -3.62
C ALA B 256 23.48 -8.87 -3.72
N GLU B 257 23.45 -8.36 -4.95
CA GLU B 257 23.11 -6.95 -5.27
C GLU B 257 21.78 -6.97 -6.01
N LEU B 258 20.92 -6.02 -5.66
CA LEU B 258 19.66 -5.71 -6.36
C LEU B 258 19.97 -4.62 -7.40
N VAL B 259 20.09 -4.97 -8.67
CA VAL B 259 20.57 -4.04 -9.74
C VAL B 259 19.38 -3.46 -10.52
N GLY B 260 18.22 -4.11 -10.52
CA GLY B 260 17.13 -3.84 -11.49
C GLY B 260 15.73 -3.99 -10.88
N PHE B 261 14.86 -3.02 -11.12
CA PHE B 261 13.44 -3.09 -10.71
C PHE B 261 12.53 -2.61 -11.83
N GLY B 262 11.56 -3.44 -12.17
CA GLY B 262 10.50 -3.15 -13.14
C GLY B 262 9.12 -3.22 -12.51
N MET B 263 8.30 -2.23 -12.82
CA MET B 263 6.84 -2.22 -12.62
C MET B 263 6.23 -2.01 -14.00
N SER B 264 4.92 -2.12 -14.11
CA SER B 264 4.17 -2.01 -15.40
C SER B 264 2.76 -2.51 -15.16
N GLY B 265 1.76 -1.85 -15.75
CA GLY B 265 0.38 -2.35 -15.80
C GLY B 265 0.13 -3.01 -17.15
N ASP B 266 -0.47 -4.21 -17.12
CA ASP B 266 -1.11 -4.92 -18.27
C ASP B 266 -2.19 -4.03 -18.91
N ALA B 267 -2.98 -3.36 -18.06
CA ALA B 267 -4.24 -2.65 -18.37
C ALA B 267 -5.19 -3.60 -19.13
N PHE B 268 -5.18 -4.89 -18.80
CA PHE B 268 -5.90 -5.93 -19.57
C PHE B 268 -7.22 -6.27 -18.85
N HIS B 269 -7.16 -6.89 -17.68
CA HIS B 269 -8.34 -7.50 -17.02
C HIS B 269 -8.14 -7.56 -15.50
N MET B 270 -9.22 -7.45 -14.73
CA MET B 270 -9.21 -7.33 -13.25
C MET B 270 -8.48 -8.52 -12.62
N THR B 271 -8.61 -9.72 -13.20
CA THR B 271 -8.07 -10.98 -12.61
C THR B 271 -7.23 -11.76 -13.61
N ALA B 272 -7.48 -11.61 -14.90
CA ALA B 272 -6.91 -12.47 -15.98
C ALA B 272 -5.68 -11.79 -16.57
N PRO B 273 -4.60 -12.56 -16.83
CA PRO B 273 -3.43 -12.02 -17.52
C PRO B 273 -3.67 -12.15 -19.02
N PRO B 274 -3.14 -11.24 -19.88
CA PRO B 274 -3.19 -11.42 -21.33
C PRO B 274 -2.36 -12.63 -21.79
N GLU B 275 -2.91 -13.42 -22.71
CA GLU B 275 -2.42 -14.75 -23.19
C GLU B 275 -0.94 -14.67 -23.62
N ASP B 276 -0.50 -13.51 -24.13
CA ASP B 276 0.83 -13.28 -24.76
C ASP B 276 1.86 -12.70 -23.76
N GLY B 277 1.55 -12.63 -22.46
CA GLY B 277 2.45 -12.07 -21.43
C GLY B 277 2.92 -10.67 -21.76
N ALA B 278 2.09 -9.86 -22.42
CA ALA B 278 2.42 -8.48 -22.80
C ALA B 278 2.94 -7.72 -21.57
N GLY B 279 2.29 -7.91 -20.42
CA GLY B 279 2.55 -7.13 -19.19
C GLY B 279 3.88 -7.52 -18.58
N ALA B 280 4.05 -8.82 -18.38
CA ALA B 280 5.28 -9.46 -17.87
C ALA B 280 6.44 -9.12 -18.78
N ALA B 281 6.22 -9.09 -20.10
CA ALA B 281 7.24 -8.75 -21.12
C ALA B 281 7.71 -7.32 -20.89
N ARG B 282 6.77 -6.36 -20.90
CA ARG B 282 7.08 -4.93 -20.63
C ARG B 282 7.87 -4.81 -19.32
N CYS B 283 7.44 -5.53 -18.28
CA CYS B 283 7.95 -5.37 -16.90
C CYS B 283 9.39 -5.91 -16.82
N MET B 284 9.63 -7.09 -17.37
CA MET B 284 10.99 -7.67 -17.43
C MET B 284 11.91 -6.77 -18.27
N LYS B 285 11.46 -6.28 -19.43
CA LYS B 285 12.26 -5.36 -20.29
C LYS B 285 12.60 -4.11 -19.47
N ASN B 286 11.62 -3.54 -18.77
CA ASN B 286 11.84 -2.32 -17.97
C ASN B 286 12.88 -2.62 -16.88
N ALA B 287 12.82 -3.82 -16.30
CA ALA B 287 13.70 -4.20 -15.18
C ALA B 287 15.13 -4.42 -15.68
N LEU B 288 15.30 -5.08 -16.83
CA LEU B 288 16.65 -5.31 -17.41
C LEU B 288 17.23 -3.95 -17.86
N ARG B 289 16.41 -3.06 -18.41
CA ARG B 289 16.87 -1.71 -18.84
C ARG B 289 17.33 -0.93 -17.60
N ASP B 290 16.56 -1.02 -16.53
CA ASP B 290 16.88 -0.40 -15.22
C ASP B 290 18.24 -0.91 -14.76
N ALA B 291 18.52 -2.20 -14.95
CA ALA B 291 19.78 -2.85 -14.53
C ALA B 291 20.89 -2.61 -15.56
N GLY B 292 20.58 -2.04 -16.72
CA GLY B 292 21.55 -1.86 -17.82
C GLY B 292 22.05 -3.18 -18.36
N LEU B 293 21.20 -4.21 -18.38
CA LEU B 293 21.60 -5.58 -18.81
C LEU B 293 20.83 -5.96 -20.05
N ASP B 294 21.50 -6.67 -20.96
N ASP B 294 21.50 -6.67 -20.97
CA ASP B 294 20.92 -7.32 -22.16
CA ASP B 294 20.89 -7.29 -22.17
C ASP B 294 20.25 -8.61 -21.70
C ASP B 294 20.28 -8.62 -21.73
N PRO B 295 19.05 -8.97 -22.21
CA PRO B 295 18.42 -10.25 -21.86
C PRO B 295 19.29 -11.53 -21.84
N ARG B 296 20.36 -11.60 -22.65
CA ARG B 296 21.29 -12.76 -22.72
C ARG B 296 22.04 -12.97 -21.40
N GLN B 297 22.09 -11.96 -20.53
CA GLN B 297 22.85 -12.04 -19.26
C GLN B 297 22.04 -12.78 -18.18
N VAL B 298 20.70 -12.93 -18.35
CA VAL B 298 19.79 -13.55 -17.35
C VAL B 298 19.96 -15.07 -17.34
N ASP B 299 20.19 -15.66 -16.17
CA ASP B 299 20.51 -17.11 -16.03
C ASP B 299 19.37 -17.87 -15.34
N TYR B 300 18.73 -17.28 -14.34
CA TYR B 300 17.64 -17.93 -13.57
C TYR B 300 16.46 -16.97 -13.41
N ILE B 301 15.24 -17.45 -13.68
CA ILE B 301 13.97 -16.74 -13.39
C ILE B 301 13.16 -17.55 -12.37
N ASN B 302 12.90 -16.98 -11.21
CA ASN B 302 11.85 -17.47 -10.29
C ASN B 302 10.56 -16.88 -10.84
N ALA B 303 9.77 -17.72 -11.52
CA ALA B 303 8.47 -17.38 -12.14
C ALA B 303 7.48 -16.99 -11.04
N HIS B 304 6.39 -16.35 -11.42
CA HIS B 304 5.18 -16.29 -10.58
C HIS B 304 4.70 -17.74 -10.44
N GLY B 305 4.50 -18.44 -11.56
CA GLY B 305 4.26 -19.90 -11.66
C GLY B 305 3.18 -20.41 -10.71
N THR B 306 2.01 -19.76 -10.71
CA THR B 306 0.93 -19.91 -9.69
C THR B 306 0.18 -21.25 -9.84
N SER B 307 0.22 -21.88 -11.01
CA SER B 307 -0.44 -23.18 -11.30
C SER B 307 -1.89 -22.93 -11.76
N THR B 308 -2.17 -21.74 -12.31
CA THR B 308 -3.44 -21.39 -13.00
C THR B 308 -3.27 -21.63 -14.50
N PRO B 309 -4.34 -22.05 -15.21
CA PRO B 309 -4.23 -22.33 -16.64
C PRO B 309 -3.67 -21.12 -17.43
N ALA B 310 -4.23 -19.93 -17.19
CA ALA B 310 -3.93 -18.70 -17.98
C ALA B 310 -2.60 -18.07 -17.50
N GLY B 311 -2.31 -18.13 -16.20
CA GLY B 311 -1.12 -17.48 -15.59
C GLY B 311 0.17 -18.08 -16.09
N ASP B 312 0.30 -19.41 -16.00
CA ASP B 312 1.52 -20.20 -16.31
C ASP B 312 1.89 -20.02 -17.79
N ILE B 313 0.93 -20.13 -18.71
CA ILE B 313 1.18 -20.11 -20.17
C ILE B 313 1.53 -18.69 -20.64
N ALA B 314 0.91 -17.65 -20.06
CA ALA B 314 1.21 -16.21 -20.31
C ALA B 314 2.68 -15.86 -19.99
N GLU B 315 3.25 -16.51 -18.98
N GLU B 315 3.25 -16.52 -18.98
CA GLU B 315 4.66 -16.28 -18.52
CA GLU B 315 4.65 -16.30 -18.52
C GLU B 315 5.62 -16.94 -19.52
C GLU B 315 5.63 -16.94 -19.50
N ILE B 316 5.24 -18.07 -20.11
CA ILE B 316 6.04 -18.74 -21.17
C ILE B 316 6.10 -17.80 -22.38
N ALA B 317 4.95 -17.28 -22.80
CA ALA B 317 4.82 -16.28 -23.88
C ALA B 317 5.78 -15.11 -23.58
N ALA B 318 5.66 -14.52 -22.40
CA ALA B 318 6.43 -13.33 -21.97
C ALA B 318 7.92 -13.60 -22.15
N VAL B 319 8.42 -14.69 -21.57
CA VAL B 319 9.87 -15.05 -21.56
C VAL B 319 10.36 -15.21 -22.99
N LYS B 320 9.66 -16.01 -23.80
CA LYS B 320 10.01 -16.26 -25.23
C LYS B 320 10.10 -14.90 -25.94
N SER B 321 9.11 -14.04 -25.75
CA SER B 321 9.06 -12.70 -26.37
C SER B 321 10.26 -11.85 -25.93
N VAL B 322 10.64 -11.92 -24.66
CA VAL B 322 11.68 -11.02 -24.07
C VAL B 322 13.09 -11.56 -24.39
N PHE B 323 13.29 -12.87 -24.34
CA PHE B 323 14.64 -13.49 -24.28
C PHE B 323 14.98 -14.15 -25.61
N GLY B 324 14.03 -14.13 -26.57
CA GLY B 324 14.12 -14.77 -27.89
C GLY B 324 14.93 -16.05 -27.86
N GLU B 325 16.10 -16.03 -28.50
CA GLU B 325 16.95 -17.23 -28.76
C GLU B 325 17.72 -17.60 -27.48
N HIS B 326 17.53 -16.88 -26.37
CA HIS B 326 18.14 -17.17 -25.04
C HIS B 326 17.12 -17.82 -24.07
N ALA B 327 15.83 -17.90 -24.43
CA ALA B 327 14.72 -18.35 -23.55
C ALA B 327 14.88 -19.80 -23.08
N HIS B 328 15.53 -20.69 -23.86
CA HIS B 328 15.73 -22.12 -23.49
C HIS B 328 17.04 -22.27 -22.71
N ALA B 329 17.92 -21.26 -22.77
CA ALA B 329 19.26 -21.22 -22.14
C ALA B 329 19.12 -20.98 -20.63
N LEU B 330 18.39 -19.93 -20.25
CA LEU B 330 18.08 -19.63 -18.82
C LEU B 330 17.20 -20.78 -18.29
N SER B 331 17.35 -21.08 -17.02
CA SER B 331 16.44 -21.92 -16.22
C SER B 331 15.34 -21.03 -15.60
N MET B 332 14.09 -21.45 -15.68
CA MET B 332 12.92 -20.79 -15.04
C MET B 332 12.13 -21.82 -14.22
N SER B 333 12.04 -21.66 -12.91
CA SER B 333 11.28 -22.59 -12.03
C SER B 333 10.23 -21.81 -11.22
N SER B 334 9.21 -22.52 -10.78
CA SER B 334 8.17 -22.01 -9.84
C SER B 334 8.35 -22.72 -8.49
N THR B 335 8.87 -21.99 -7.52
CA THR B 335 8.96 -22.46 -6.12
C THR B 335 7.55 -22.57 -5.53
N LYS B 336 6.52 -21.97 -6.14
CA LYS B 336 5.11 -22.15 -5.71
C LYS B 336 4.70 -23.62 -5.88
N SER B 337 5.50 -24.40 -6.63
CA SER B 337 5.30 -25.85 -6.81
C SER B 337 5.43 -26.54 -5.46
N MET B 338 6.17 -25.95 -4.52
CA MET B 338 6.43 -26.49 -3.16
C MET B 338 5.79 -25.63 -2.05
N THR B 339 5.81 -24.31 -2.21
CA THR B 339 5.34 -23.35 -1.17
C THR B 339 3.84 -23.07 -1.32
N GLY B 340 3.29 -23.24 -2.53
CA GLY B 340 2.02 -22.63 -2.94
C GLY B 340 2.18 -21.12 -2.98
N HIS B 341 1.08 -20.41 -3.05
CA HIS B 341 1.05 -18.96 -3.39
C HIS B 341 0.84 -18.19 -2.08
N LEU B 342 1.89 -17.55 -1.54
CA LEU B 342 1.81 -16.72 -0.29
C LEU B 342 1.24 -15.33 -0.61
N LEU B 343 0.63 -15.19 -1.79
CA LEU B 343 0.00 -13.94 -2.29
C LEU B 343 0.98 -12.77 -2.12
N GLY B 344 0.65 -11.75 -1.33
CA GLY B 344 1.49 -10.55 -1.19
C GLY B 344 2.89 -10.86 -0.67
N ALA B 345 3.08 -11.96 0.08
CA ALA B 345 4.41 -12.43 0.53
C ALA B 345 5.09 -13.31 -0.53
N ALA B 346 4.40 -13.70 -1.60
CA ALA B 346 5.00 -14.55 -2.66
C ALA B 346 6.30 -13.88 -3.16
N GLY B 347 6.25 -12.59 -3.49
CA GLY B 347 7.41 -11.88 -4.05
C GLY B 347 8.57 -11.79 -3.07
N ALA B 348 8.29 -11.64 -1.76
CA ALA B 348 9.30 -11.53 -0.68
C ALA B 348 10.05 -12.85 -0.55
N VAL B 349 9.37 -13.97 -0.27
CA VAL B 349 10.04 -15.30 -0.09
C VAL B 349 10.80 -15.68 -1.37
N GLU B 350 10.21 -15.36 -2.54
CA GLU B 350 10.73 -15.77 -3.88
C GLU B 350 11.91 -14.88 -4.30
N ALA B 351 12.00 -13.64 -3.78
CA ALA B 351 13.22 -12.80 -3.88
C ALA B 351 14.35 -13.49 -3.11
N ILE B 352 14.06 -14.01 -1.90
CA ILE B 352 15.09 -14.67 -1.04
C ILE B 352 15.61 -15.92 -1.75
N PHE B 353 14.73 -16.69 -2.37
CA PHE B 353 15.09 -17.97 -3.02
C PHE B 353 15.97 -17.65 -4.22
N SER B 354 15.72 -16.51 -4.89
CA SER B 354 16.46 -15.97 -6.06
C SER B 354 17.86 -15.51 -5.62
N VAL B 355 17.95 -14.90 -4.44
CA VAL B 355 19.25 -14.50 -3.79
C VAL B 355 20.03 -15.77 -3.44
N LEU B 356 19.40 -16.83 -2.92
CA LEU B 356 20.11 -18.05 -2.46
C LEU B 356 20.49 -18.92 -3.67
N ALA B 357 19.74 -18.84 -4.77
CA ALA B 357 20.09 -19.48 -6.06
C ALA B 357 21.42 -18.90 -6.56
N LEU B 358 21.61 -17.59 -6.43
CA LEU B 358 22.90 -16.93 -6.72
C LEU B 358 23.97 -17.44 -5.75
N ARG B 359 23.68 -17.47 -4.46
CA ARG B 359 24.68 -17.81 -3.41
C ARG B 359 25.17 -19.25 -3.58
N ASP B 360 24.30 -20.17 -4.02
CA ASP B 360 24.56 -21.63 -4.00
C ASP B 360 24.70 -22.19 -5.42
N GLN B 361 24.44 -21.38 -6.46
CA GLN B 361 24.62 -21.75 -7.90
C GLN B 361 23.78 -22.99 -8.25
N VAL B 362 22.47 -22.92 -7.97
CA VAL B 362 21.49 -24.01 -8.20
C VAL B 362 20.11 -23.39 -8.46
N ALA B 363 19.40 -23.91 -9.46
CA ALA B 363 18.01 -23.57 -9.78
C ALA B 363 17.11 -24.46 -8.95
N PRO B 364 16.20 -23.89 -8.14
CA PRO B 364 15.20 -24.67 -7.43
C PRO B 364 14.28 -25.36 -8.43
N PRO B 365 13.81 -26.58 -8.10
CA PRO B 365 13.00 -27.35 -9.04
C PRO B 365 11.60 -26.73 -9.16
N THR B 366 10.92 -26.97 -10.28
CA THR B 366 9.46 -26.97 -10.36
C THR B 366 8.98 -28.41 -10.15
N ILE B 367 8.65 -28.81 -8.91
CA ILE B 367 8.14 -30.21 -8.67
C ILE B 367 6.77 -30.36 -9.33
N ASN B 368 6.35 -31.62 -9.55
CA ASN B 368 5.00 -32.02 -10.07
C ASN B 368 4.82 -31.70 -11.58
N LEU B 369 5.86 -31.25 -12.29
CA LEU B 369 5.81 -31.00 -13.75
C LEU B 369 5.99 -32.35 -14.46
N ASP B 370 4.95 -33.17 -14.40
CA ASP B 370 4.95 -34.58 -14.86
C ASP B 370 4.65 -34.59 -16.36
N ASN B 371 3.82 -33.66 -16.85
CA ASN B 371 3.37 -33.60 -18.28
C ASN B 371 3.21 -32.14 -18.72
N PRO B 372 4.32 -31.47 -19.11
CA PRO B 372 4.28 -30.07 -19.51
C PRO B 372 3.20 -29.84 -20.58
N ASP B 373 2.48 -28.74 -20.46
CA ASP B 373 1.34 -28.38 -21.35
C ASP B 373 1.94 -27.97 -22.70
N GLU B 374 1.09 -27.96 -23.72
CA GLU B 374 1.27 -27.28 -25.04
C GLU B 374 2.10 -26.00 -24.84
N GLY B 375 3.31 -25.95 -25.40
CA GLY B 375 4.09 -24.71 -25.56
C GLY B 375 5.09 -24.48 -24.43
N CYS B 376 5.08 -25.38 -23.44
CA CYS B 376 5.92 -25.32 -22.20
C CYS B 376 7.19 -26.15 -22.41
N ASP B 377 8.04 -25.74 -23.35
CA ASP B 377 9.26 -26.48 -23.79
C ASP B 377 10.56 -25.82 -23.28
N LEU B 378 10.47 -24.83 -22.38
CA LEU B 378 11.62 -24.12 -21.75
C LEU B 378 12.25 -25.02 -20.67
N ASP B 379 13.37 -24.60 -20.08
CA ASP B 379 14.04 -25.30 -18.95
C ASP B 379 13.33 -24.88 -17.66
N LEU B 380 12.22 -25.56 -17.35
CA LEU B 380 11.37 -25.29 -16.15
C LEU B 380 11.87 -26.14 -14.98
N VAL B 381 13.10 -26.65 -15.04
CA VAL B 381 13.78 -27.37 -13.92
C VAL B 381 12.79 -28.33 -13.24
N ALA B 382 12.22 -29.26 -14.01
CA ALA B 382 11.23 -30.26 -13.52
C ALA B 382 11.85 -31.16 -12.44
N HIS B 383 11.18 -31.33 -11.29
CA HIS B 383 11.34 -32.43 -10.29
C HIS B 383 12.53 -32.23 -9.32
N GLU B 384 13.72 -31.92 -9.83
CA GLU B 384 14.99 -31.90 -9.05
C GLU B 384 15.68 -30.54 -9.20
N ALA B 385 16.29 -30.04 -8.13
CA ALA B 385 17.20 -28.87 -8.18
C ALA B 385 18.27 -29.15 -9.24
N LYS B 386 18.75 -28.11 -9.91
CA LYS B 386 19.76 -28.22 -10.98
C LYS B 386 20.90 -27.25 -10.66
N PRO B 387 22.10 -27.74 -10.28
CA PRO B 387 23.29 -26.88 -10.20
C PRO B 387 23.65 -26.34 -11.58
N ARG B 388 23.96 -25.05 -11.65
CA ARG B 388 24.35 -24.38 -12.91
C ARG B 388 24.94 -23.01 -12.57
N LYS B 389 25.49 -22.32 -13.56
CA LYS B 389 26.07 -20.96 -13.40
C LYS B 389 24.91 -19.96 -13.31
N ILE B 390 24.95 -19.05 -12.32
CA ILE B 390 23.91 -17.99 -12.13
C ILE B 390 24.60 -16.70 -11.69
N ASP B 391 24.67 -15.72 -12.57
CA ASP B 391 25.24 -14.38 -12.28
C ASP B 391 24.10 -13.37 -12.14
N VAL B 392 23.01 -13.55 -12.89
CA VAL B 392 21.83 -12.64 -12.93
C VAL B 392 20.55 -13.45 -12.70
N ALA B 393 19.74 -13.04 -11.72
CA ALA B 393 18.49 -13.74 -11.31
C ALA B 393 17.31 -12.77 -11.40
N LEU B 394 16.22 -13.17 -12.05
CA LEU B 394 14.92 -12.43 -12.04
C LEU B 394 13.94 -13.12 -11.10
N SER B 395 13.18 -12.30 -10.38
CA SER B 395 11.96 -12.73 -9.66
C SER B 395 10.78 -11.92 -10.19
N ASN B 396 9.85 -12.61 -10.85
CA ASN B 396 8.63 -12.01 -11.43
C ASN B 396 7.43 -12.22 -10.48
N SER B 397 6.62 -11.18 -10.39
CA SER B 397 5.30 -11.19 -9.72
C SER B 397 4.28 -10.47 -10.61
N PHE B 398 3.09 -11.04 -10.71
CA PHE B 398 1.90 -10.48 -11.42
C PHE B 398 0.69 -10.64 -10.50
N GLY B 399 -0.21 -9.65 -10.50
CA GLY B 399 -1.37 -9.62 -9.60
C GLY B 399 -2.64 -9.14 -10.29
N PHE B 400 -3.74 -9.20 -9.56
CA PHE B 400 -5.05 -8.61 -9.92
C PHE B 400 -4.84 -7.12 -10.21
N GLY B 401 -5.64 -6.58 -11.12
CA GLY B 401 -5.51 -5.18 -11.60
C GLY B 401 -4.46 -5.06 -12.69
N GLY B 402 -3.81 -6.17 -13.05
CA GLY B 402 -2.82 -6.23 -14.13
C GLY B 402 -1.49 -5.63 -13.68
N THR B 403 -1.18 -5.80 -12.41
CA THR B 403 -0.04 -5.16 -11.74
C THR B 403 1.16 -6.12 -11.85
N ASN B 404 2.25 -5.67 -12.45
CA ASN B 404 3.47 -6.50 -12.68
C ASN B 404 4.63 -5.93 -11.85
N GLY B 405 5.54 -6.82 -11.46
CA GLY B 405 6.76 -6.46 -10.75
C GLY B 405 7.85 -7.44 -11.15
N THR B 406 9.06 -6.94 -11.38
CA THR B 406 10.26 -7.76 -11.63
C THR B 406 11.40 -7.19 -10.77
N LEU B 407 12.20 -8.05 -10.18
CA LEU B 407 13.47 -7.70 -9.50
C LEU B 407 14.61 -8.46 -10.20
N VAL B 408 15.73 -7.77 -10.46
CA VAL B 408 16.98 -8.35 -11.02
C VAL B 408 18.06 -8.32 -9.95
N PHE B 409 18.53 -9.50 -9.55
CA PHE B 409 19.63 -9.68 -8.59
C PHE B 409 20.83 -10.19 -9.39
N ARG B 410 22.02 -9.77 -8.96
CA ARG B 410 23.31 -10.16 -9.56
C ARG B 410 24.22 -10.61 -8.41
N ARG B 411 25.04 -11.65 -8.63
CA ARG B 411 26.14 -12.06 -7.72
C ARG B 411 26.99 -10.84 -7.32
N PHE B 412 27.62 -10.90 -6.15
CA PHE B 412 28.55 -9.87 -5.62
C PHE B 412 29.87 -10.53 -5.22
N ALA B 413 30.99 -10.10 -5.80
CA ALA B 413 32.36 -10.57 -5.47
C ALA B 413 33.40 -9.55 -5.97
S DMS C . 9.10 15.76 -6.17
O DMS C . 10.09 14.65 -6.09
C1 DMS C . 9.49 16.93 -4.90
C2 DMS C . 9.58 16.74 -7.57
S DMS D . 12.73 30.47 11.99
O DMS D . 12.26 31.90 12.04
C1 DMS D . 12.81 30.03 10.28
C2 DMS D . 14.48 30.51 12.31
S DMS E . -22.52 -10.20 -0.74
O DMS E . -22.58 -11.69 -0.89
C1 DMS E . -23.95 -9.72 0.19
C2 DMS E . -22.98 -9.51 -2.31
C4 X1J F . 13.14 -10.78 18.86
C5 X1J F . 13.81 -11.59 17.98
C6 X1J F . 14.70 -11.07 17.03
C7 X1J F . 13.69 -13.07 17.86
C8 X1J F . 15.24 -12.16 16.17
C9 X1J F . 14.68 -14.66 16.17
C10 X1J F . 13.90 -15.78 16.80
N1 X1J F . 14.55 -13.37 16.69
N2 X1J F . 12.60 -8.56 19.55
C3 X1J F . 13.36 -9.40 18.76
C1 X1J F . 14.95 -9.71 16.96
C2 X1J F . 14.28 -8.86 17.83
O1 X1J F . 15.43 -14.84 15.22
S DMS G . 22.08 4.75 20.13
O DMS G . 23.41 5.36 20.43
C1 DMS G . 22.26 3.01 20.52
C2 DMS G . 21.00 5.22 21.48
S DMS H . 17.84 0.29 -7.44
O DMS H . 17.01 1.42 -7.98
C1 DMS H . 17.16 -1.19 -8.11
C2 DMS H . 19.37 0.25 -8.35
S DMS I . -7.37 -7.88 17.82
O DMS I . -8.62 -7.76 16.99
C1 DMS I . -7.95 -8.35 19.43
C2 DMS I . -6.67 -9.47 17.45
S DMS J . -4.90 -12.67 17.31
O DMS J . -4.19 -12.98 16.04
C1 DMS J . -3.90 -13.36 18.60
C2 DMS J . -6.24 -13.86 17.39
S DMS K . 19.49 -3.09 16.95
O DMS K . 20.59 -2.06 16.92
C1 DMS K . 19.04 -3.24 18.67
C2 DMS K . 20.31 -4.66 16.78
P PO4 L . 26.15 4.57 10.19
O1 PO4 L . 26.32 5.48 11.41
O2 PO4 L . 27.50 3.97 9.77
O3 PO4 L . 25.17 3.42 10.51
O4 PO4 L . 25.64 5.39 9.02
#